data_6ZKZ
#
_entry.id   6ZKZ
#
_cell.length_a   70.810
_cell.length_b   107.890
_cell.length_c   118.420
_cell.angle_alpha   90.00
_cell.angle_beta   90.00
_cell.angle_gamma   90.00
#
_symmetry.space_group_name_H-M   'P 21 21 21'
#
loop_
_entity.id
_entity.type
_entity.pdbx_description
1 polymer 'HLA class I histocompatibility antigen, alpha chain E'
2 polymer Beta-2-microglobulin
3 polymer 'Enoyl-[acyl-carrier-protein] reductase [NADH]'
4 polymer 'T-cell receptor alpha chain'
5 polymer 'T-cell receptor beta chain'
6 non-polymer 1,2-ETHANEDIOL
7 water water
#
loop_
_entity_poly.entity_id
_entity_poly.type
_entity_poly.pdbx_seq_one_letter_code
_entity_poly.pdbx_strand_id
1 'polypeptide(L)'
;GSHSLKYFHTSVSRPGRGEPRFISVGYVDDTQFVRFDNDAASPRMVPRAPWMEQEGSEYWDRETRSARDTAQIFRVNLRT
LRGYYNQSEAGSHTLQWMHGCELGPDGRFLRGYEQCAYDGKDYLTLNEDLRSWTAVDTAAQISEQKSNDASEAEHQRAYL
EDTCVEWLHKYLEKGKETLLHLEPPKTHVTHHPISDHEATLRCWALGFYPAEITLTWQQDGEGHTQDTELVETRPAGDGT
FQKWAAVVVPSGEEQRYTCHVQHEGLPEPVTLRWKP
;
A
2 'polypeptide(L)'
;MIQRTPKIQVYSRHPAENGKSNFLNCYVSGFHPSDIEVDLLKNGERIEKVEHSDLSFSKDWSFYLLYYTEFTPTEKDEYA
CRVNHVTLSQPKIVKWDRDM
;
B
3 'polypeptide(L)' RLPAKAPL(QM8) C
4 'polypeptide(L)'
;MAQEVTQIPAALSVPEGENLVLNCSFTDSAIYNLQWFRQDPGKGLTSLLLIQSSQREQTSGRLNASLDKSSGRSTLYIAA
SQPGDSATYLCAVTNQAGTALIFGKGTTLSVSSNIQNPDPAVYQLRDSKSSDKSVCLFTDFDSQTNVSQSKDSDVYITDK
CVLDMRSMDFKSNSAVAWSNKSDFACANAFNNSIIPEDT
;
D
5 'polypeptide(L)'
;NAGVTQTPKFQVLKTGQSMTLQCSQDMNHEYMSWYRQDPGMGLRLIHYSVGAGITDQGEVPNGYNVSRSTTEDFPLRLLS
AAPSQTSVYFCASSYSIRGSRGEQFFGPGTRLTVLEDLKNVFPPEVAVFEPSEAEISHTQKATLVCLATGFYPDHVELSW
WVNGKEVHSGVCTDPQPLKEQPALNDSRYALSSRLRVSATFWQDPRNHFRCQVQFYGLSENDEWTQDRAKPVTQIVSAEA
WGRAD
;
E
#
loop_
_chem_comp.id
_chem_comp.type
_chem_comp.name
_chem_comp.formula
EDO non-polymer 1,2-ETHANEDIOL 'C2 H6 O2'
#
# COMPACT_ATOMS: atom_id res chain seq x y z
N SER A 2 16.87 20.02 -24.59
CA SER A 2 17.60 18.72 -24.41
C SER A 2 17.71 18.35 -22.93
N HIS A 3 16.80 18.86 -22.09
CA HIS A 3 16.84 18.72 -20.60
C HIS A 3 16.28 17.34 -20.23
N SER A 4 16.59 16.86 -19.01
CA SER A 4 16.16 15.54 -18.50
C SER A 4 15.83 15.62 -17.00
N LEU A 5 14.89 14.78 -16.55
CA LEU A 5 14.64 14.47 -15.12
C LEU A 5 14.94 12.98 -14.89
N LYS A 6 15.94 12.68 -14.07
CA LYS A 6 16.47 11.31 -13.83
C LYS A 6 16.57 11.05 -12.33
N TYR A 7 16.30 9.81 -11.91
CA TYR A 7 16.58 9.32 -10.54
C TYR A 7 17.46 8.07 -10.63
N PHE A 8 18.35 7.92 -9.65
CA PHE A 8 19.29 6.77 -9.51
C PHE A 8 19.05 6.14 -8.13
N HIS A 9 18.46 4.94 -8.13
CA HIS A 9 18.08 4.16 -6.92
C HIS A 9 19.10 3.03 -6.72
N THR A 10 19.59 2.88 -5.49
CA THR A 10 20.52 1.79 -5.08
C THR A 10 19.92 1.09 -3.86
N SER A 11 19.73 -0.22 -3.96
CA SER A 11 19.36 -1.13 -2.83
C SER A 11 20.50 -2.11 -2.61
N VAL A 12 21.05 -2.16 -1.39
CA VAL A 12 22.19 -3.05 -1.00
C VAL A 12 21.75 -3.86 0.22
N SER A 13 21.63 -5.19 0.05
CA SER A 13 21.34 -6.13 1.16
C SER A 13 22.54 -6.19 2.10
N ARG A 14 22.28 -6.23 3.40
CA ARG A 14 23.30 -6.40 4.48
C ARG A 14 22.76 -7.44 5.45
N PRO A 15 22.84 -8.75 5.09
CA PRO A 15 22.19 -9.81 5.88
C PRO A 15 22.74 -9.89 7.31
N GLY A 16 21.83 -10.04 8.28
CA GLY A 16 22.14 -10.02 9.73
C GLY A 16 21.96 -8.63 10.32
N ARG A 17 22.26 -7.58 9.54
CA ARG A 17 22.24 -6.15 9.97
C ARG A 17 20.93 -5.48 9.53
N GLY A 18 19.88 -6.26 9.27
CA GLY A 18 18.49 -5.78 9.12
C GLY A 18 18.14 -5.40 7.68
N GLU A 19 17.31 -4.38 7.53
CA GLU A 19 16.78 -3.87 6.23
C GLU A 19 17.94 -3.52 5.31
N PRO A 20 17.85 -3.84 3.99
CA PRO A 20 18.85 -3.38 3.03
C PRO A 20 19.05 -1.85 3.07
N ARG A 21 20.26 -1.39 2.76
CA ARG A 21 20.56 0.05 2.53
C ARG A 21 19.84 0.46 1.24
N PHE A 22 19.10 1.58 1.29
CA PHE A 22 18.37 2.12 0.11
C PHE A 22 18.59 3.63 0.01
N ILE A 23 19.04 4.09 -1.16
CA ILE A 23 19.32 5.52 -1.49
C ILE A 23 18.68 5.82 -2.85
N SER A 24 17.92 6.93 -2.93
CA SER A 24 17.44 7.56 -4.18
C SER A 24 18.11 8.94 -4.31
N VAL A 25 18.54 9.30 -5.52
CA VAL A 25 19.02 10.68 -5.85
C VAL A 25 18.34 11.12 -7.15
N GLY A 26 17.78 12.34 -7.15
CA GLY A 26 17.16 12.97 -8.33
C GLY A 26 18.10 14.00 -8.94
N TYR A 27 18.16 14.04 -10.27
CA TYR A 27 18.92 15.03 -11.06
C TYR A 27 17.99 15.70 -12.07
N VAL A 28 18.07 17.03 -12.19
CA VAL A 28 17.64 17.79 -13.40
C VAL A 28 18.91 18.10 -14.19
N ASP A 29 19.07 17.46 -15.36
CA ASP A 29 20.31 17.50 -16.17
C ASP A 29 21.45 16.97 -15.30
N ASP A 30 22.46 17.79 -14.98
CA ASP A 30 23.65 17.37 -14.19
C ASP A 30 23.62 18.05 -12.82
N THR A 31 22.43 18.38 -12.31
CA THR A 31 22.22 19.05 -11.00
C THR A 31 21.34 18.15 -10.12
N GLN A 32 21.91 17.57 -9.07
CA GLN A 32 21.15 16.85 -8.01
C GLN A 32 20.25 17.86 -7.29
N PHE A 33 18.98 17.53 -7.08
CA PHE A 33 17.97 18.44 -6.48
C PHE A 33 17.27 17.79 -5.28
N VAL A 34 17.24 16.46 -5.17
CA VAL A 34 16.64 15.71 -4.03
C VAL A 34 17.49 14.48 -3.71
N ARG A 35 17.25 13.88 -2.54
CA ARG A 35 17.79 12.55 -2.17
C ARG A 35 16.98 11.94 -1.04
N PHE A 36 16.93 10.61 -0.98
CA PHE A 36 16.37 9.81 0.13
C PHE A 36 17.42 8.78 0.56
N ASP A 37 17.59 8.60 1.87
CA ASP A 37 18.53 7.61 2.47
C ASP A 37 17.82 6.96 3.67
N ASN A 38 17.50 5.66 3.58
CA ASN A 38 16.79 4.92 4.65
C ASN A 38 17.69 4.73 5.87
N ASP A 39 18.98 5.11 5.76
CA ASP A 39 19.94 5.15 6.89
C ASP A 39 19.69 6.43 7.70
N ALA A 40 18.74 6.37 8.63
CA ALA A 40 18.29 7.47 9.52
C ALA A 40 17.10 6.96 10.35
N ALA A 41 16.74 7.67 11.43
CA ALA A 41 15.62 7.32 12.33
C ALA A 41 14.31 7.33 11.54
N SER A 42 13.86 8.51 11.12
CA SER A 42 12.72 8.72 10.19
C SER A 42 13.26 9.17 8.83
N PRO A 43 13.60 8.24 7.91
CA PRO A 43 14.20 8.61 6.63
C PRO A 43 13.17 9.29 5.71
N ARG A 44 13.54 10.44 5.14
CA ARG A 44 12.64 11.26 4.30
C ARG A 44 13.40 11.73 3.05
N MET A 45 12.66 12.01 1.97
CA MET A 45 13.16 12.79 0.81
C MET A 45 13.41 14.22 1.29
N VAL A 46 14.59 14.78 1.01
CA VAL A 46 15.00 16.14 1.45
C VAL A 46 15.53 16.90 0.24
N PRO A 47 15.45 18.26 0.24
CA PRO A 47 16.00 19.06 -0.86
C PRO A 47 17.54 19.03 -0.85
N ARG A 48 18.14 18.93 -2.04
CA ARG A 48 19.61 18.90 -2.25
C ARG A 48 20.00 19.96 -3.29
N ALA A 49 19.14 20.96 -3.49
CA ALA A 49 19.39 22.16 -4.33
C ALA A 49 18.69 23.34 -3.68
N PRO A 50 19.31 24.55 -3.65
CA PRO A 50 18.71 25.70 -2.97
C PRO A 50 17.27 25.98 -3.46
N TRP A 51 17.04 25.87 -4.77
CA TRP A 51 15.77 26.22 -5.46
C TRP A 51 14.66 25.20 -5.17
N MET A 52 14.92 24.18 -4.34
CA MET A 52 13.96 23.08 -4.04
C MET A 52 13.37 23.25 -2.63
N GLU A 53 13.84 24.22 -1.85
CA GLU A 53 13.44 24.42 -0.43
C GLU A 53 12.02 25.01 -0.35
N GLN A 54 11.56 25.66 -1.43
CA GLN A 54 10.23 26.34 -1.51
C GLN A 54 9.08 25.33 -1.37
N GLU A 55 9.29 24.08 -1.80
CA GLU A 55 8.24 23.03 -1.89
C GLU A 55 7.65 22.75 -0.50
N GLY A 56 6.37 22.36 -0.46
CA GLY A 56 5.59 22.17 0.79
C GLY A 56 5.71 20.76 1.34
N SER A 57 5.24 20.56 2.57
CA SER A 57 5.13 19.23 3.25
C SER A 57 4.45 18.23 2.32
N GLU A 58 3.47 18.69 1.53
CA GLU A 58 2.73 17.90 0.50
C GLU A 58 3.75 17.14 -0.35
N TYR A 59 4.69 17.85 -0.96
CA TYR A 59 5.75 17.30 -1.84
C TYR A 59 6.58 16.28 -1.06
N TRP A 60 7.14 16.69 0.09
CA TRP A 60 8.15 15.92 0.85
C TRP A 60 7.52 14.65 1.45
N ASP A 61 6.29 14.75 1.98
CA ASP A 61 5.52 13.59 2.48
C ASP A 61 5.27 12.61 1.32
N ARG A 62 4.85 13.12 0.16
CA ARG A 62 4.54 12.29 -1.03
C ARG A 62 5.83 11.59 -1.51
N GLU A 63 6.91 12.36 -1.70
CA GLU A 63 8.20 11.86 -2.22
C GLU A 63 8.82 10.87 -1.21
N THR A 64 8.68 11.16 0.09
CA THR A 64 9.08 10.26 1.20
C THR A 64 8.34 8.92 1.05
N ARG A 65 7.02 8.98 0.86
CA ARG A 65 6.12 7.80 0.71
C ARG A 65 6.56 7.00 -0.52
N SER A 66 6.72 7.63 -1.67
CA SER A 66 7.16 7.00 -2.95
C SER A 66 8.55 6.34 -2.77
N ALA A 67 9.45 7.02 -2.06
CA ALA A 67 10.84 6.53 -1.79
C ALA A 67 10.80 5.31 -0.87
N ARG A 68 10.02 5.37 0.22
CA ARG A 68 9.86 4.26 1.20
C ARG A 68 9.23 3.05 0.51
N ASP A 69 8.23 3.27 -0.35
CA ASP A 69 7.53 2.21 -1.13
C ASP A 69 8.54 1.51 -2.03
N THR A 70 9.39 2.28 -2.72
CA THR A 70 10.45 1.77 -3.62
C THR A 70 11.41 0.89 -2.80
N ALA A 71 11.89 1.39 -1.66
CA ALA A 71 12.81 0.70 -0.73
C ALA A 71 12.21 -0.65 -0.31
N GLN A 72 10.95 -0.66 0.10
CA GLN A 72 10.20 -1.88 0.52
C GLN A 72 10.18 -2.88 -0.65
N ILE A 73 9.75 -2.43 -1.83
CA ILE A 73 9.66 -3.27 -3.07
C ILE A 73 11.04 -3.80 -3.44
N PHE A 74 12.09 -2.98 -3.33
CA PHE A 74 13.47 -3.36 -3.72
C PHE A 74 14.04 -4.33 -2.69
N ARG A 75 13.59 -4.27 -1.43
CA ARG A 75 13.94 -5.27 -0.39
C ARG A 75 13.39 -6.64 -0.82
N VAL A 76 12.14 -6.68 -1.30
CA VAL A 76 11.49 -7.91 -1.84
C VAL A 76 12.28 -8.36 -3.07
N ASN A 77 12.57 -7.44 -4.00
CA ASN A 77 13.28 -7.73 -5.27
C ASN A 77 14.64 -8.39 -4.97
N LEU A 78 15.36 -7.92 -3.95
CA LEU A 78 16.69 -8.46 -3.55
C LEU A 78 16.56 -9.92 -3.12
N ARG A 79 15.50 -10.26 -2.37
CA ARG A 79 15.19 -11.65 -1.96
C ARG A 79 14.93 -12.49 -3.22
N THR A 80 14.06 -11.99 -4.10
CA THR A 80 13.64 -12.68 -5.35
C THR A 80 14.88 -12.98 -6.21
N LEU A 81 15.79 -12.01 -6.33
CA LEU A 81 17.01 -12.11 -7.18
C LEU A 81 18.03 -13.07 -6.55
N ARG A 82 18.20 -13.03 -5.22
CA ARG A 82 19.03 -14.03 -4.50
C ARG A 82 18.50 -15.43 -4.84
N GLY A 83 17.18 -15.59 -4.80
CA GLY A 83 16.47 -16.84 -5.18
C GLY A 83 16.78 -17.26 -6.61
N TYR A 84 16.58 -16.36 -7.58
CA TYR A 84 16.75 -16.62 -9.04
C TYR A 84 18.16 -17.13 -9.32
N TYR A 85 19.18 -16.51 -8.72
CA TYR A 85 20.63 -16.79 -8.96
C TYR A 85 21.14 -17.88 -8.01
N ASN A 86 20.29 -18.37 -7.11
CA ASN A 86 20.59 -19.50 -6.18
C ASN A 86 21.76 -19.11 -5.27
N GLN A 87 21.77 -17.86 -4.79
CA GLN A 87 22.88 -17.27 -4.00
C GLN A 87 22.63 -17.47 -2.51
N SER A 88 23.72 -17.49 -1.72
CA SER A 88 23.69 -17.56 -0.23
C SER A 88 22.94 -16.35 0.34
N GLU A 89 22.23 -16.55 1.45
CA GLU A 89 21.51 -15.48 2.19
C GLU A 89 22.50 -14.63 2.99
N ALA A 90 23.78 -15.06 3.08
CA ALA A 90 24.85 -14.42 3.87
C ALA A 90 25.47 -13.24 3.11
N GLY A 91 25.45 -13.28 1.77
CA GLY A 91 26.15 -12.31 0.91
C GLY A 91 25.37 -11.02 0.71
N SER A 92 26.09 -9.89 0.60
CA SER A 92 25.55 -8.57 0.18
C SER A 92 25.35 -8.59 -1.33
N HIS A 93 24.25 -8.00 -1.81
CA HIS A 93 23.92 -7.91 -3.27
C HIS A 93 23.29 -6.54 -3.56
N THR A 94 23.54 -6.04 -4.77
CA THR A 94 23.16 -4.67 -5.21
C THR A 94 22.07 -4.78 -6.28
N LEU A 95 20.99 -4.00 -6.10
CA LEU A 95 19.96 -3.74 -7.13
C LEU A 95 19.99 -2.24 -7.42
N GLN A 96 20.13 -1.86 -8.69
CA GLN A 96 20.14 -0.45 -9.15
C GLN A 96 18.97 -0.25 -10.12
N TRP A 97 18.28 0.89 -9.98
CA TRP A 97 17.13 1.29 -10.84
C TRP A 97 17.34 2.73 -11.30
N MET A 98 17.50 2.92 -12.61
CA MET A 98 17.65 4.24 -13.26
C MET A 98 16.42 4.47 -14.13
N HIS A 99 15.76 5.62 -13.96
CA HIS A 99 14.64 6.07 -14.83
C HIS A 99 14.79 7.57 -15.13
N GLY A 100 14.43 7.97 -16.34
CA GLY A 100 14.52 9.37 -16.79
C GLY A 100 13.65 9.63 -18.00
N CYS A 101 13.11 10.85 -18.08
CA CYS A 101 12.41 11.43 -19.26
C CYS A 101 13.24 12.60 -19.80
N GLU A 102 13.37 12.70 -21.12
CA GLU A 102 14.09 13.79 -21.82
C GLU A 102 13.10 14.68 -22.56
N LEU A 103 13.41 15.97 -22.68
CA LEU A 103 12.67 16.95 -23.51
C LEU A 103 13.44 17.16 -24.82
N GLY A 104 12.71 17.39 -25.92
CA GLY A 104 13.29 17.75 -27.24
C GLY A 104 13.63 19.24 -27.29
N PRO A 105 14.14 19.73 -28.44
CA PRO A 105 14.34 21.17 -28.65
C PRO A 105 13.04 21.96 -28.40
N ASP A 106 11.90 21.41 -28.84
CA ASP A 106 10.54 22.02 -28.76
C ASP A 106 10.07 22.11 -27.30
N GLY A 107 10.73 21.41 -26.37
CA GLY A 107 10.36 21.36 -24.94
C GLY A 107 9.19 20.40 -24.70
N ARG A 108 9.00 19.42 -25.60
CA ARG A 108 8.02 18.32 -25.45
C ARG A 108 8.77 17.04 -25.08
N PHE A 109 8.05 16.03 -24.58
CA PHE A 109 8.57 14.66 -24.32
C PHE A 109 9.34 14.18 -25.55
N LEU A 110 10.64 13.93 -25.41
CA LEU A 110 11.50 13.37 -26.48
C LEU A 110 11.54 11.85 -26.35
N ARG A 111 11.88 11.35 -25.16
CA ARG A 111 11.99 9.88 -24.90
C ARG A 111 12.04 9.62 -23.39
N GLY A 112 11.68 8.40 -23.00
CA GLY A 112 11.81 7.85 -21.62
C GLY A 112 12.61 6.57 -21.64
N TYR A 113 13.23 6.22 -20.51
CA TYR A 113 14.04 4.99 -20.34
C TYR A 113 14.00 4.56 -18.88
N GLU A 114 14.02 3.23 -18.67
CA GLU A 114 14.23 2.59 -17.36
C GLU A 114 15.09 1.35 -17.57
N GLN A 115 16.09 1.17 -16.71
CA GLN A 115 16.85 -0.10 -16.57
C GLN A 115 17.01 -0.37 -15.08
N CYS A 116 17.11 -1.66 -14.70
CA CYS A 116 17.65 -2.09 -13.40
C CYS A 116 18.80 -3.06 -13.65
N ALA A 117 19.81 -3.02 -12.78
CA ALA A 117 21.00 -3.90 -12.82
C ALA A 117 21.07 -4.66 -11.50
N TYR A 118 21.43 -5.94 -11.55
CA TYR A 118 21.74 -6.79 -10.38
C TYR A 118 23.26 -6.99 -10.32
N ASP A 119 23.87 -6.57 -9.21
CA ASP A 119 25.33 -6.67 -8.95
C ASP A 119 26.10 -6.08 -10.14
N GLY A 120 25.69 -4.89 -10.61
CA GLY A 120 26.42 -4.08 -11.60
C GLY A 120 26.17 -4.48 -13.05
N LYS A 121 25.32 -5.50 -13.29
CA LYS A 121 25.04 -6.04 -14.64
C LYS A 121 23.60 -5.71 -15.05
N ASP A 122 23.41 -5.25 -16.29
CA ASP A 122 22.09 -5.13 -16.97
C ASP A 122 21.25 -6.37 -16.60
N TYR A 123 20.08 -6.17 -15.99
CA TYR A 123 19.14 -7.26 -15.62
C TYR A 123 17.88 -7.17 -16.49
N LEU A 124 17.13 -6.08 -16.35
CA LEU A 124 15.81 -5.87 -17.00
C LEU A 124 15.74 -4.45 -17.55
N THR A 125 15.33 -4.30 -18.82
CA THR A 125 15.27 -3.01 -19.56
C THR A 125 13.85 -2.74 -20.04
N LEU A 126 13.34 -1.53 -19.80
CA LEU A 126 12.11 -1.01 -20.43
C LEU A 126 12.44 -0.67 -21.88
N ASN A 127 11.73 -1.29 -22.83
CA ASN A 127 11.98 -1.16 -24.30
C ASN A 127 11.78 0.31 -24.71
N GLU A 128 12.23 0.64 -25.93
CA GLU A 128 12.17 2.01 -26.50
C GLU A 128 10.72 2.52 -26.48
N ASP A 129 9.76 1.65 -26.79
CA ASP A 129 8.32 1.99 -26.96
C ASP A 129 7.64 2.18 -25.60
N LEU A 130 8.28 1.73 -24.51
CA LEU A 130 7.79 1.85 -23.10
C LEU A 130 6.53 0.99 -22.91
N ARG A 131 6.37 -0.06 -23.72
CA ARG A 131 5.14 -0.90 -23.76
C ARG A 131 5.36 -2.20 -23.00
N SER A 132 6.61 -2.64 -22.84
CA SER A 132 6.98 -3.92 -22.18
C SER A 132 8.41 -3.85 -21.63
N TRP A 133 8.65 -4.56 -20.52
CA TRP A 133 9.99 -4.82 -19.94
C TRP A 133 10.65 -5.97 -20.72
N THR A 134 11.97 -6.01 -20.77
CA THR A 134 12.77 -7.00 -21.55
C THR A 134 13.94 -7.52 -20.70
N ALA A 135 13.95 -8.84 -20.45
CA ALA A 135 15.11 -9.59 -19.90
C ALA A 135 16.33 -9.35 -20.78
N VAL A 136 17.49 -9.07 -20.18
CA VAL A 136 18.78 -8.87 -20.89
C VAL A 136 19.47 -10.23 -21.00
N ASP A 137 19.87 -10.81 -19.87
CA ASP A 137 20.33 -12.22 -19.78
C ASP A 137 19.11 -13.10 -19.49
N THR A 138 19.29 -14.42 -19.49
CA THR A 138 18.21 -15.44 -19.39
C THR A 138 17.65 -15.48 -17.95
N ALA A 139 18.41 -14.98 -16.97
CA ALA A 139 18.06 -15.02 -15.52
C ALA A 139 16.93 -14.01 -15.21
N ALA A 140 16.74 -13.00 -16.07
CA ALA A 140 15.73 -11.94 -15.91
C ALA A 140 14.42 -12.32 -16.61
N GLN A 141 14.35 -13.51 -17.21
CA GLN A 141 13.20 -13.96 -18.03
C GLN A 141 11.92 -14.03 -17.17
N ILE A 142 12.03 -14.50 -15.92
CA ILE A 142 10.87 -14.65 -14.99
C ILE A 142 10.37 -13.25 -14.59
N SER A 143 11.29 -12.29 -14.43
CA SER A 143 10.97 -10.86 -14.12
C SER A 143 10.20 -10.24 -15.30
N GLU A 144 10.60 -10.55 -16.54
CA GLU A 144 9.91 -10.08 -17.78
C GLU A 144 8.49 -10.62 -17.82
N GLN A 145 8.32 -11.93 -17.57
CA GLN A 145 6.99 -12.62 -17.56
C GLN A 145 6.11 -11.96 -16.50
N LYS A 146 6.65 -11.76 -15.28
CA LYS A 146 5.91 -11.23 -14.11
C LYS A 146 5.53 -9.76 -14.37
N SER A 147 6.47 -8.95 -14.85
CA SER A 147 6.29 -7.51 -15.14
C SER A 147 5.19 -7.31 -16.21
N ASN A 148 5.23 -8.10 -17.28
CA ASN A 148 4.26 -8.04 -18.41
C ASN A 148 2.88 -8.51 -17.93
N ASP A 149 2.82 -9.58 -17.13
CA ASP A 149 1.57 -10.11 -16.52
C ASP A 149 0.90 -9.01 -15.67
N ALA A 150 1.70 -8.17 -15.01
CA ALA A 150 1.24 -7.08 -14.12
C ALA A 150 1.11 -5.77 -14.90
N SER A 151 1.52 -5.74 -16.17
CA SER A 151 1.56 -4.54 -17.04
C SER A 151 2.33 -3.41 -16.32
N GLU A 152 3.52 -3.72 -15.81
CA GLU A 152 4.40 -2.76 -15.10
C GLU A 152 4.78 -1.62 -16.04
N ALA A 153 5.07 -1.95 -17.32
CA ALA A 153 5.51 -1.02 -18.38
C ALA A 153 4.52 0.14 -18.52
N GLU A 154 3.22 -0.15 -18.46
CA GLU A 154 2.11 0.83 -18.63
C GLU A 154 2.22 1.94 -17.58
N HIS A 155 2.38 1.56 -16.31
CA HIS A 155 2.45 2.51 -15.16
C HIS A 155 3.72 3.36 -15.26
N GLN A 156 4.84 2.75 -15.70
CA GLN A 156 6.13 3.45 -15.91
C GLN A 156 6.04 4.37 -17.12
N ARG A 157 5.32 3.96 -18.17
CA ARG A 157 5.14 4.77 -19.42
C ARG A 157 4.38 6.05 -19.06
N ALA A 158 3.23 5.94 -18.39
CA ALA A 158 2.38 7.07 -17.95
C ALA A 158 3.23 8.04 -17.12
N TYR A 159 4.08 7.52 -16.24
CA TYR A 159 5.01 8.32 -15.40
C TYR A 159 5.95 9.13 -16.30
N LEU A 160 6.67 8.43 -17.19
CA LEU A 160 7.75 9.01 -18.04
C LEU A 160 7.17 10.03 -19.02
N GLU A 161 5.97 9.79 -19.57
CA GLU A 161 5.34 10.61 -20.63
C GLU A 161 4.64 11.84 -20.03
N ASP A 162 4.03 11.71 -18.86
CA ASP A 162 3.17 12.77 -18.25
C ASP A 162 3.87 13.41 -17.05
N THR A 163 3.82 12.76 -15.87
CA THR A 163 4.18 13.38 -14.57
C THR A 163 5.68 13.72 -14.56
N CYS A 164 6.52 12.88 -15.17
CA CYS A 164 7.99 13.12 -15.29
C CYS A 164 8.24 14.41 -16.10
N VAL A 165 7.54 14.58 -17.22
CA VAL A 165 7.67 15.77 -18.12
C VAL A 165 7.07 17.00 -17.43
N GLU A 166 5.87 16.85 -16.85
CA GLU A 166 5.16 17.91 -16.10
C GLU A 166 6.13 18.53 -15.08
N TRP A 167 6.69 17.68 -14.20
CA TRP A 167 7.51 18.10 -13.04
C TRP A 167 8.92 18.56 -13.49
N LEU A 168 9.44 18.04 -14.60
CA LEU A 168 10.71 18.53 -15.19
C LEU A 168 10.53 20.02 -15.53
N HIS A 169 9.45 20.36 -16.25
CA HIS A 169 9.07 21.75 -16.60
C HIS A 169 8.98 22.61 -15.33
N LYS A 170 8.38 22.07 -14.26
CA LYS A 170 8.21 22.77 -12.96
C LYS A 170 9.58 23.01 -12.32
N TYR A 171 10.47 22.01 -12.34
CA TYR A 171 11.84 22.11 -11.76
C TYR A 171 12.67 23.09 -12.59
N LEU A 172 12.61 23.00 -13.93
CA LEU A 172 13.33 23.93 -14.84
C LEU A 172 12.95 25.39 -14.50
N GLU A 173 11.68 25.63 -14.19
CA GLU A 173 11.16 26.96 -13.77
C GLU A 173 11.80 27.36 -12.44
N LYS A 174 11.61 26.55 -11.39
CA LYS A 174 12.20 26.76 -10.04
C LYS A 174 13.73 26.62 -10.15
N GLY A 175 14.48 27.70 -9.98
CA GLY A 175 15.94 27.71 -10.15
C GLY A 175 16.34 27.58 -11.61
N LYS A 176 15.63 28.30 -12.49
CA LYS A 176 16.05 28.56 -13.90
C LYS A 176 17.36 29.36 -13.90
N GLU A 177 17.62 30.12 -12.83
CA GLU A 177 18.86 30.92 -12.63
C GLU A 177 20.08 30.02 -12.87
N THR A 178 20.08 28.82 -12.28
CA THR A 178 21.20 27.86 -12.28
C THR A 178 21.05 26.86 -13.43
N LEU A 179 19.87 26.24 -13.57
CA LEU A 179 19.62 25.09 -14.48
C LEU A 179 19.79 25.49 -15.94
N LEU A 180 19.29 26.67 -16.35
CA LEU A 180 19.24 27.10 -17.77
C LEU A 180 20.50 27.89 -18.16
N HIS A 181 21.38 28.22 -17.20
CA HIS A 181 22.63 28.99 -17.46
C HIS A 181 23.73 28.05 -17.95
N LEU A 182 24.28 28.31 -19.14
CA LEU A 182 25.44 27.61 -19.71
C LEU A 182 26.73 28.26 -19.20
N GLU A 183 27.50 27.55 -18.38
CA GLU A 183 28.83 28.00 -17.90
C GLU A 183 29.90 27.39 -18.81
N PRO A 184 30.58 28.21 -19.64
CA PRO A 184 31.60 27.68 -20.55
C PRO A 184 32.84 27.28 -19.76
N PRO A 185 33.67 26.34 -20.28
CA PRO A 185 34.90 25.96 -19.60
C PRO A 185 35.95 27.06 -19.70
N LYS A 186 36.53 27.44 -18.55
CA LYS A 186 37.81 28.21 -18.50
C LYS A 186 38.93 27.20 -18.80
N THR A 187 39.57 27.34 -19.95
CA THR A 187 40.51 26.34 -20.52
C THR A 187 41.93 26.91 -20.51
N HIS A 188 42.90 26.05 -20.18
CA HIS A 188 44.36 26.34 -20.24
C HIS A 188 45.12 25.01 -20.46
N VAL A 189 46.37 25.10 -20.88
CA VAL A 189 47.27 23.92 -21.08
C VAL A 189 48.47 24.07 -20.13
N THR A 190 48.75 23.01 -19.36
CA THR A 190 49.92 22.91 -18.46
C THR A 190 50.89 21.88 -19.03
N HIS A 191 52.18 22.01 -18.70
CA HIS A 191 53.31 21.20 -19.22
C HIS A 191 53.99 20.50 -18.04
N HIS A 192 54.17 19.18 -18.12
CA HIS A 192 54.72 18.33 -17.03
C HIS A 192 55.78 17.39 -17.60
N PRO A 193 57.07 17.80 -17.63
CA PRO A 193 58.17 16.89 -17.95
C PRO A 193 58.12 15.65 -17.05
N ILE A 194 57.94 14.47 -17.65
CA ILE A 194 57.80 13.16 -16.93
C ILE A 194 59.13 12.41 -16.97
N SER A 195 59.91 12.59 -18.04
CA SER A 195 61.26 11.99 -18.23
C SER A 195 62.16 13.00 -18.96
N ASP A 196 63.41 12.61 -19.23
CA ASP A 196 64.37 13.39 -20.05
C ASP A 196 63.78 13.66 -21.44
N HIS A 197 63.12 12.65 -22.03
CA HIS A 197 62.77 12.60 -23.47
C HIS A 197 61.27 12.89 -23.69
N GLU A 198 60.44 12.84 -22.65
CA GLU A 198 58.96 13.00 -22.78
C GLU A 198 58.43 13.99 -21.73
N ALA A 199 57.35 14.71 -22.11
CA ALA A 199 56.55 15.60 -21.24
C ALA A 199 55.06 15.31 -21.44
N THR A 200 54.26 15.53 -20.40
CA THR A 200 52.78 15.47 -20.44
C THR A 200 52.24 16.86 -20.75
N LEU A 201 51.42 16.99 -21.80
CA LEU A 201 50.57 18.17 -22.06
C LEU A 201 49.17 17.86 -21.54
N ARG A 202 48.72 18.60 -20.52
CA ARG A 202 47.40 18.43 -19.87
C ARG A 202 46.53 19.63 -20.25
N CYS A 203 45.45 19.38 -20.99
CA CYS A 203 44.46 20.39 -21.41
C CYS A 203 43.31 20.44 -20.41
N TRP A 204 43.13 21.57 -19.74
CA TRP A 204 42.16 21.76 -18.63
C TRP A 204 40.86 22.40 -19.16
N ALA A 205 39.73 21.87 -18.70
CA ALA A 205 38.39 22.52 -18.77
C ALA A 205 37.87 22.63 -17.33
N LEU A 206 37.70 23.86 -16.83
CA LEU A 206 37.39 24.12 -15.40
C LEU A 206 36.11 24.95 -15.29
N GLY A 207 35.27 24.60 -14.31
CA GLY A 207 34.08 25.36 -13.90
C GLY A 207 33.06 25.51 -15.01
N PHE A 208 32.70 24.40 -15.68
CA PHE A 208 31.72 24.39 -16.79
C PHE A 208 30.43 23.67 -16.37
N TYR A 209 29.33 24.03 -17.05
CA TYR A 209 28.00 23.39 -16.92
C TYR A 209 27.23 23.59 -18.22
N PRO A 210 26.52 22.57 -18.76
CA PRO A 210 26.41 21.24 -18.16
C PRO A 210 27.69 20.39 -18.27
N ALA A 211 27.62 19.10 -17.89
CA ALA A 211 28.78 18.18 -17.75
C ALA A 211 29.32 17.76 -19.13
N GLU A 212 28.45 17.69 -20.15
CA GLU A 212 28.83 17.29 -21.53
C GLU A 212 29.97 18.19 -22.03
N ILE A 213 31.05 17.57 -22.51
CA ILE A 213 32.26 18.28 -23.04
C ILE A 213 33.12 17.27 -23.80
N THR A 214 33.78 17.72 -24.88
CA THR A 214 34.72 16.91 -25.70
C THR A 214 36.09 17.59 -25.70
N LEU A 215 37.10 16.91 -25.14
CA LEU A 215 38.52 17.34 -25.15
C LEU A 215 39.31 16.38 -26.04
N THR A 216 39.90 16.90 -27.12
CA THR A 216 40.71 16.10 -28.09
C THR A 216 42.06 16.80 -28.31
N TRP A 217 43.13 16.02 -28.39
CA TRP A 217 44.49 16.48 -28.74
C TRP A 217 44.76 16.17 -30.22
N GLN A 218 45.31 17.13 -30.95
CA GLN A 218 45.77 16.97 -32.36
C GLN A 218 47.24 17.40 -32.44
N GLN A 219 47.94 16.94 -33.48
CA GLN A 219 49.32 17.33 -33.84
C GLN A 219 49.28 18.02 -35.21
N ASP A 220 49.99 19.14 -35.34
CA ASP A 220 50.15 19.88 -36.62
C ASP A 220 50.74 18.92 -37.66
N GLY A 221 50.14 18.85 -38.85
CA GLY A 221 50.52 17.91 -39.93
C GLY A 221 49.70 16.64 -39.89
N GLU A 222 49.45 16.10 -38.70
CA GLU A 222 48.71 14.83 -38.45
C GLU A 222 47.44 15.12 -37.64
N GLN A 226 45.18 11.57 -32.04
CA GLN A 226 46.37 11.35 -31.17
C GLN A 226 45.92 10.69 -29.87
N ASP A 227 46.71 9.74 -29.35
CA ASP A 227 46.43 8.96 -28.11
C ASP A 227 46.28 9.94 -26.93
N THR A 228 45.20 9.80 -26.16
CA THR A 228 44.76 10.76 -25.11
C THR A 228 44.39 10.02 -23.82
N GLU A 229 44.97 10.42 -22.69
CA GLU A 229 44.48 10.07 -21.33
C GLU A 229 43.33 11.03 -21.00
N LEU A 230 42.11 10.49 -20.92
CA LEU A 230 40.86 11.26 -20.65
C LEU A 230 40.37 10.90 -19.24
N VAL A 231 40.55 11.81 -18.28
CA VAL A 231 40.17 11.60 -16.86
C VAL A 231 38.64 11.78 -16.74
N GLU A 232 38.01 11.01 -15.85
CA GLU A 232 36.56 11.05 -15.54
C GLU A 232 36.18 12.48 -15.15
N THR A 233 35.20 13.08 -15.85
CA THR A 233 34.59 14.39 -15.51
C THR A 233 34.21 14.36 -14.03
N ARG A 234 34.58 15.41 -13.29
CA ARG A 234 34.48 15.46 -11.80
C ARG A 234 33.75 16.73 -11.39
N PRO A 235 32.97 16.70 -10.29
CA PRO A 235 32.35 17.90 -9.75
C PRO A 235 33.36 18.82 -9.05
N ALA A 236 33.27 20.12 -9.27
CA ALA A 236 34.04 21.16 -8.54
C ALA A 236 33.47 21.29 -7.13
N GLY A 237 32.18 20.97 -6.95
CA GLY A 237 31.47 21.02 -5.67
C GLY A 237 30.59 22.25 -5.54
N ASP A 238 30.50 23.07 -6.60
CA ASP A 238 29.70 24.32 -6.66
C ASP A 238 28.64 24.18 -7.77
N GLY A 239 28.42 22.95 -8.27
CA GLY A 239 27.48 22.66 -9.36
C GLY A 239 28.14 22.66 -10.73
N THR A 240 29.39 23.11 -10.84
CA THR A 240 30.18 23.10 -12.11
C THR A 240 31.11 21.89 -12.11
N PHE A 241 31.66 21.56 -13.28
CA PHE A 241 32.45 20.33 -13.52
C PHE A 241 33.87 20.71 -13.98
N GLN A 242 34.80 19.79 -13.74
CA GLN A 242 36.22 19.89 -14.19
C GLN A 242 36.53 18.64 -15.00
N LYS A 243 37.38 18.77 -16.01
CA LYS A 243 37.90 17.65 -16.83
C LYS A 243 39.27 18.07 -17.37
N TRP A 244 40.17 17.12 -17.60
CA TRP A 244 41.40 17.35 -18.39
C TRP A 244 41.69 16.15 -19.29
N ALA A 245 42.27 16.44 -20.45
CA ALA A 245 42.82 15.46 -21.42
C ALA A 245 44.34 15.64 -21.43
N ALA A 246 45.09 14.54 -21.31
CA ALA A 246 46.58 14.55 -21.30
C ALA A 246 47.10 13.76 -22.50
N VAL A 247 48.21 14.25 -23.08
CA VAL A 247 48.94 13.58 -24.20
C VAL A 247 50.44 13.62 -23.84
N VAL A 248 51.12 12.48 -23.95
CA VAL A 248 52.60 12.35 -23.76
C VAL A 248 53.26 12.68 -25.11
N VAL A 249 54.10 13.71 -25.14
CA VAL A 249 54.77 14.22 -26.37
C VAL A 249 56.28 14.20 -26.15
N PRO A 250 57.11 14.18 -27.21
CA PRO A 250 58.56 14.35 -27.06
C PRO A 250 58.90 15.75 -26.53
N SER A 251 59.69 15.81 -25.45
CA SER A 251 60.20 17.06 -24.82
C SER A 251 60.78 17.97 -25.92
N GLY A 252 60.35 19.24 -25.95
CA GLY A 252 60.77 20.25 -26.95
C GLY A 252 59.80 20.38 -28.11
N GLU A 253 58.90 19.42 -28.32
CA GLU A 253 57.95 19.39 -29.46
C GLU A 253 56.52 19.69 -28.99
N GLU A 254 56.36 20.31 -27.83
CA GLU A 254 55.04 20.55 -27.17
C GLU A 254 54.18 21.48 -28.03
N GLN A 255 54.80 22.46 -28.70
CA GLN A 255 54.09 23.54 -29.45
C GLN A 255 53.57 23.03 -30.79
N ARG A 256 53.81 21.77 -31.15
CA ARG A 256 53.24 21.14 -32.37
C ARG A 256 51.80 20.67 -32.10
N TYR A 257 51.39 20.62 -30.83
CA TYR A 257 50.12 20.00 -30.37
C TYR A 257 49.08 21.09 -30.04
N THR A 258 47.83 20.83 -30.42
CA THR A 258 46.65 21.69 -30.15
C THR A 258 45.63 20.87 -29.38
N CYS A 259 45.03 21.46 -28.34
CA CYS A 259 43.85 20.92 -27.63
C CYS A 259 42.59 21.57 -28.21
N HIS A 260 41.54 20.77 -28.43
CA HIS A 260 40.23 21.21 -29.00
C HIS A 260 39.13 20.93 -27.98
N VAL A 261 38.46 21.99 -27.51
CA VAL A 261 37.38 21.97 -26.49
C VAL A 261 36.06 22.29 -27.19
N GLN A 262 35.09 21.38 -27.12
CA GLN A 262 33.69 21.58 -27.58
C GLN A 262 32.77 21.54 -26.36
N HIS A 263 32.02 22.62 -26.15
CA HIS A 263 31.03 22.78 -25.05
C HIS A 263 29.83 23.59 -25.55
N GLU A 264 28.62 23.20 -25.15
CA GLU A 264 27.35 23.90 -25.48
C GLU A 264 27.54 25.41 -25.26
N GLY A 265 28.08 25.79 -24.10
CA GLY A 265 28.27 27.19 -23.65
C GLY A 265 29.35 27.94 -24.44
N LEU A 266 30.06 27.26 -25.36
CA LEU A 266 31.00 27.93 -26.30
C LEU A 266 30.32 28.10 -27.65
N PRO A 267 30.33 29.31 -28.24
CA PRO A 267 29.69 29.55 -29.53
C PRO A 267 30.33 28.73 -30.66
N GLU A 268 31.64 28.48 -30.57
CA GLU A 268 32.40 27.62 -31.51
C GLU A 268 33.49 26.87 -30.74
N PRO A 269 34.00 25.74 -31.28
CA PRO A 269 35.07 25.00 -30.62
C PRO A 269 36.29 25.90 -30.34
N VAL A 270 36.91 25.72 -29.17
CA VAL A 270 38.11 26.47 -28.71
C VAL A 270 39.33 25.61 -28.97
N THR A 271 40.38 26.19 -29.56
CA THR A 271 41.70 25.55 -29.81
C THR A 271 42.74 26.21 -28.90
N LEU A 272 43.47 25.41 -28.12
CA LEU A 272 44.61 25.87 -27.26
C LEU A 272 45.91 25.24 -27.77
N ARG A 273 47.01 25.96 -27.58
CA ARG A 273 48.40 25.50 -27.82
C ARG A 273 49.25 25.96 -26.63
N TRP A 274 50.06 25.07 -26.06
CA TRP A 274 50.99 25.42 -24.95
C TRP A 274 52.00 26.46 -25.45
N LYS A 275 52.17 27.56 -24.70
CA LYS A 275 53.22 28.59 -24.92
C LYS A 275 54.21 28.50 -23.76
N PRO A 276 55.54 28.37 -24.02
CA PRO A 276 56.54 28.47 -22.96
C PRO A 276 56.49 29.84 -22.25
N MET B 1 29.98 -12.06 -10.25
CA MET B 1 29.64 -10.70 -9.74
C MET B 1 30.64 -9.68 -10.28
N ILE B 2 30.17 -8.48 -10.63
CA ILE B 2 31.01 -7.35 -11.13
C ILE B 2 31.69 -6.68 -9.94
N GLN B 3 33.03 -6.64 -9.94
CA GLN B 3 33.86 -5.89 -8.97
C GLN B 3 34.78 -4.94 -9.75
N ARG B 4 34.54 -3.63 -9.62
CA ARG B 4 35.30 -2.55 -10.29
C ARG B 4 36.02 -1.72 -9.21
N THR B 5 37.31 -1.47 -9.40
CA THR B 5 38.18 -0.70 -8.46
C THR B 5 37.89 0.78 -8.61
N PRO B 6 37.85 1.56 -7.50
CA PRO B 6 37.61 3.01 -7.59
C PRO B 6 38.75 3.77 -8.27
N LYS B 7 38.39 4.68 -9.18
CA LYS B 7 39.29 5.72 -9.75
C LYS B 7 39.21 6.94 -8.84
N ILE B 8 40.35 7.35 -8.27
CA ILE B 8 40.45 8.36 -7.18
C ILE B 8 41.07 9.64 -7.74
N GLN B 9 40.32 10.73 -7.74
CA GLN B 9 40.80 12.09 -8.11
C GLN B 9 40.78 12.96 -6.85
N VAL B 10 41.94 13.51 -6.48
CA VAL B 10 42.08 14.48 -5.35
C VAL B 10 42.54 15.82 -5.94
N TYR B 11 41.75 16.88 -5.70
CA TYR B 11 41.86 18.18 -6.39
C TYR B 11 41.17 19.27 -5.56
N SER B 12 41.46 20.53 -5.88
CA SER B 12 40.81 21.73 -5.27
C SER B 12 39.65 22.20 -6.16
N ARG B 13 38.62 22.79 -5.55
CA ARG B 13 37.48 23.41 -6.28
C ARG B 13 38.02 24.52 -7.18
N HIS B 14 38.75 25.47 -6.58
CA HIS B 14 39.38 26.64 -7.27
C HIS B 14 40.88 26.39 -7.39
N PRO B 15 41.58 27.05 -8.34
CA PRO B 15 43.04 26.95 -8.42
C PRO B 15 43.67 27.26 -7.06
N ALA B 16 44.66 26.45 -6.66
CA ALA B 16 45.27 26.45 -5.32
C ALA B 16 46.14 27.71 -5.14
N GLU B 17 45.84 28.50 -4.11
CA GLU B 17 46.67 29.65 -3.63
C GLU B 17 46.94 29.48 -2.14
N ASN B 18 48.20 29.24 -1.77
CA ASN B 18 48.66 29.12 -0.37
C ASN B 18 48.08 30.28 0.44
N GLY B 19 47.31 29.98 1.49
CA GLY B 19 46.77 30.99 2.44
C GLY B 19 45.33 31.38 2.13
N LYS B 20 44.89 31.25 0.88
CA LYS B 20 43.50 31.53 0.44
C LYS B 20 42.64 30.29 0.67
N SER B 21 41.49 30.46 1.33
CA SER B 21 40.52 29.38 1.65
C SER B 21 40.02 28.73 0.36
N ASN B 22 39.84 27.41 0.36
CA ASN B 22 39.47 26.60 -0.84
C ASN B 22 38.64 25.41 -0.37
N PHE B 23 38.32 24.47 -1.27
CA PHE B 23 37.65 23.18 -0.96
C PHE B 23 38.51 22.05 -1.51
N LEU B 24 38.93 21.12 -0.64
CA LEU B 24 39.66 19.89 -1.02
C LEU B 24 38.63 18.83 -1.41
N ASN B 25 38.66 18.39 -2.66
CA ASN B 25 37.72 17.38 -3.22
C ASN B 25 38.46 16.05 -3.35
N CYS B 26 37.82 14.95 -2.93
CA CYS B 26 38.18 13.57 -3.30
C CYS B 26 37.00 12.91 -4.00
N TYR B 27 37.13 12.66 -5.30
CA TYR B 27 36.10 12.08 -6.18
C TYR B 27 36.45 10.62 -6.48
N VAL B 28 35.75 9.68 -5.84
CA VAL B 28 35.84 8.22 -6.12
C VAL B 28 34.75 7.88 -7.14
N SER B 29 35.11 7.23 -8.24
CA SER B 29 34.21 6.87 -9.37
C SER B 29 34.61 5.51 -9.96
N GLY B 30 33.69 4.92 -10.71
CA GLY B 30 33.93 3.68 -11.49
C GLY B 30 34.06 2.45 -10.61
N PHE B 31 33.45 2.46 -9.41
CA PHE B 31 33.59 1.38 -8.40
C PHE B 31 32.26 0.64 -8.19
N HIS B 32 32.38 -0.65 -7.84
CA HIS B 32 31.26 -1.59 -7.57
C HIS B 32 31.82 -2.75 -6.74
N PRO B 33 31.21 -3.15 -5.61
CA PRO B 33 29.95 -2.56 -5.11
C PRO B 33 30.14 -1.20 -4.41
N SER B 34 29.06 -0.67 -3.83
CA SER B 34 28.95 0.72 -3.29
C SER B 34 29.74 0.89 -1.99
N ASP B 35 29.83 -0.16 -1.16
CA ASP B 35 30.56 -0.12 0.14
C ASP B 35 31.98 0.38 -0.09
N ILE B 36 32.33 1.53 0.52
CA ILE B 36 33.63 2.21 0.32
C ILE B 36 33.91 3.09 1.55
N GLU B 37 35.11 2.94 2.14
CA GLU B 37 35.66 3.86 3.17
C GLU B 37 36.46 4.95 2.45
N VAL B 38 36.14 6.22 2.72
CA VAL B 38 36.88 7.40 2.16
C VAL B 38 37.13 8.39 3.30
N ASP B 39 38.39 8.77 3.50
CA ASP B 39 38.85 9.76 4.50
C ASP B 39 39.79 10.76 3.83
N LEU B 40 39.55 12.05 4.02
CA LEU B 40 40.51 13.13 3.68
C LEU B 40 41.54 13.25 4.81
N LEU B 41 42.82 13.39 4.47
CA LEU B 41 43.96 13.44 5.43
C LEU B 41 44.63 14.81 5.34
N LYS B 42 44.91 15.43 6.49
CA LYS B 42 45.89 16.54 6.62
C LYS B 42 47.13 16.00 7.34
N ASN B 43 48.25 15.90 6.63
CA ASN B 43 49.56 15.46 7.18
C ASN B 43 49.41 14.06 7.78
N GLY B 44 48.62 13.19 7.12
CA GLY B 44 48.42 11.78 7.52
C GLY B 44 47.28 11.61 8.51
N GLU B 45 46.71 12.70 9.02
CA GLU B 45 45.64 12.70 10.05
C GLU B 45 44.27 12.85 9.37
N ARG B 46 43.34 11.93 9.66
CA ARG B 46 41.94 11.94 9.20
C ARG B 46 41.30 13.30 9.55
N ILE B 47 40.70 13.97 8.58
CA ILE B 47 39.94 15.25 8.78
C ILE B 47 38.53 14.88 9.25
N GLU B 48 37.97 15.63 10.21
CA GLU B 48 36.68 15.33 10.87
C GLU B 48 35.53 15.98 10.11
N LYS B 49 35.60 17.30 9.88
CA LYS B 49 34.55 18.10 9.18
C LYS B 49 34.58 17.75 7.68
N VAL B 50 34.28 16.48 7.35
CA VAL B 50 34.31 15.94 5.96
C VAL B 50 32.88 15.60 5.55
N GLU B 51 32.37 16.28 4.52
CA GLU B 51 31.04 16.03 3.90
C GLU B 51 31.24 15.11 2.69
N HIS B 52 30.20 14.35 2.31
CA HIS B 52 30.19 13.47 1.12
C HIS B 52 28.84 13.58 0.41
N SER B 53 28.87 13.58 -0.93
CA SER B 53 27.68 13.60 -1.82
C SER B 53 26.83 12.35 -1.56
N ASP B 54 25.60 12.34 -2.09
CA ASP B 54 24.69 11.16 -2.03
C ASP B 54 25.14 10.15 -3.09
N LEU B 55 25.23 8.88 -2.70
CA LEU B 55 25.61 7.75 -3.60
C LEU B 55 24.74 7.79 -4.86
N SER B 56 25.38 8.02 -6.01
CA SER B 56 24.78 7.93 -7.37
C SER B 56 25.66 7.00 -8.22
N PHE B 57 25.29 6.78 -9.48
CA PHE B 57 26.03 5.87 -10.40
C PHE B 57 25.86 6.32 -11.85
N SER B 58 26.82 5.92 -12.70
CA SER B 58 26.94 6.28 -14.13
C SER B 58 26.14 5.30 -14.99
N LYS B 59 26.17 5.49 -16.31
CA LYS B 59 25.46 4.68 -17.34
C LYS B 59 25.88 3.21 -17.25
N ASP B 60 27.10 2.92 -16.78
CA ASP B 60 27.67 1.54 -16.68
C ASP B 60 27.43 0.98 -15.27
N TRP B 61 26.58 1.63 -14.47
CA TRP B 61 26.12 1.17 -13.11
C TRP B 61 27.19 1.38 -12.05
N SER B 62 28.41 1.79 -12.43
CA SER B 62 29.53 2.06 -11.49
C SER B 62 29.19 3.30 -10.66
N PHE B 63 29.48 3.27 -9.35
CA PHE B 63 29.10 4.32 -8.38
C PHE B 63 30.12 5.47 -8.43
N TYR B 64 29.69 6.66 -8.01
CA TYR B 64 30.55 7.85 -7.80
C TYR B 64 30.11 8.59 -6.53
N LEU B 65 31.09 9.02 -5.73
CA LEU B 65 30.91 9.83 -4.49
C LEU B 65 31.95 10.95 -4.48
N LEU B 66 31.53 12.17 -4.13
CA LEU B 66 32.43 13.30 -3.83
C LEU B 66 32.54 13.44 -2.31
N TYR B 67 33.75 13.30 -1.77
CA TYR B 67 34.12 13.68 -0.38
C TYR B 67 34.85 15.02 -0.45
N TYR B 68 34.42 16.00 0.34
CA TYR B 68 34.97 17.38 0.33
C TYR B 68 34.99 17.94 1.77
N THR B 69 35.96 18.83 2.01
CA THR B 69 36.10 19.63 3.26
C THR B 69 36.62 21.02 2.90
N GLU B 70 36.27 22.02 3.70
CA GLU B 70 36.84 23.39 3.61
C GLU B 70 38.30 23.30 4.09
N PHE B 71 39.24 23.87 3.34
CA PHE B 71 40.69 23.83 3.67
C PHE B 71 41.40 25.08 3.13
N THR B 72 42.45 25.49 3.84
CA THR B 72 43.36 26.59 3.46
C THR B 72 44.73 25.99 3.14
N PRO B 73 45.02 25.67 1.86
CA PRO B 73 46.30 25.04 1.50
C PRO B 73 47.48 25.95 1.89
N THR B 74 48.60 25.34 2.28
CA THR B 74 49.87 26.02 2.65
C THR B 74 51.04 25.30 2.00
N GLU B 75 52.22 25.93 2.02
CA GLU B 75 53.49 25.39 1.45
C GLU B 75 53.81 24.05 2.14
N LYS B 76 53.67 24.00 3.47
CA LYS B 76 54.19 22.90 4.34
C LYS B 76 53.19 21.74 4.43
N ASP B 77 51.88 22.03 4.44
CA ASP B 77 50.81 21.03 4.72
C ASP B 77 50.65 20.09 3.52
N GLU B 78 50.50 18.79 3.79
CA GLU B 78 50.24 17.73 2.77
C GLU B 78 48.81 17.21 2.96
N TYR B 79 48.00 17.25 1.90
CA TYR B 79 46.62 16.70 1.86
C TYR B 79 46.60 15.45 0.96
N ALA B 80 45.83 14.45 1.37
CA ALA B 80 45.64 13.18 0.64
C ALA B 80 44.20 12.68 0.82
N CYS B 81 43.83 11.65 0.06
CA CYS B 81 42.55 10.91 0.17
C CYS B 81 42.83 9.43 0.37
N ARG B 82 42.41 8.87 1.51
CA ARG B 82 42.52 7.42 1.81
C ARG B 82 41.19 6.75 1.44
N VAL B 83 41.27 5.69 0.62
CA VAL B 83 40.10 4.95 0.08
C VAL B 83 40.32 3.46 0.34
N ASN B 84 39.39 2.80 1.02
CA ASN B 84 39.36 1.33 1.16
C ASN B 84 38.11 0.80 0.42
N HIS B 85 38.26 -0.33 -0.26
CA HIS B 85 37.23 -0.98 -1.11
C HIS B 85 37.59 -2.46 -1.25
N VAL B 86 36.59 -3.32 -1.46
CA VAL B 86 36.76 -4.80 -1.53
C VAL B 86 37.84 -5.14 -2.57
N THR B 87 37.92 -4.38 -3.67
CA THR B 87 38.85 -4.59 -4.81
C THR B 87 40.30 -4.30 -4.40
N LEU B 88 40.51 -3.48 -3.36
CA LEU B 88 41.86 -3.08 -2.86
C LEU B 88 42.29 -4.00 -1.72
N SER B 89 43.50 -4.56 -1.80
CA SER B 89 44.12 -5.44 -0.77
C SER B 89 44.46 -4.63 0.48
N GLN B 90 44.82 -3.35 0.29
CA GLN B 90 45.14 -2.39 1.38
C GLN B 90 44.50 -1.04 1.07
N PRO B 91 44.26 -0.18 2.08
CA PRO B 91 43.83 1.20 1.83
C PRO B 91 44.73 1.88 0.78
N LYS B 92 44.11 2.60 -0.17
CA LYS B 92 44.83 3.35 -1.23
C LYS B 92 44.81 4.85 -0.87
N ILE B 93 46.00 5.43 -0.71
CA ILE B 93 46.22 6.86 -0.32
C ILE B 93 46.71 7.64 -1.55
N VAL B 94 45.96 8.66 -1.97
CA VAL B 94 46.30 9.53 -3.13
C VAL B 94 46.60 10.94 -2.61
N LYS B 95 47.86 11.39 -2.73
CA LYS B 95 48.30 12.75 -2.33
C LYS B 95 47.67 13.77 -3.27
N TRP B 96 47.24 14.91 -2.72
CA TRP B 96 46.75 16.08 -3.51
C TRP B 96 47.93 16.73 -4.23
N ASP B 97 47.97 16.60 -5.57
CA ASP B 97 48.88 17.36 -6.46
C ASP B 97 48.10 18.56 -7.03
N ARG B 98 48.71 19.74 -7.04
CA ARG B 98 48.10 21.01 -7.53
C ARG B 98 47.92 20.93 -9.06
N ASP B 99 48.70 20.07 -9.73
CA ASP B 99 48.81 19.97 -11.21
C ASP B 99 48.05 18.76 -11.75
N MET B 100 47.02 18.28 -11.02
CA MET B 100 46.15 17.14 -11.44
C MET B 100 44.74 17.35 -10.89
N ARG C 1 9.89 14.51 -9.36
CA ARG C 1 8.77 13.67 -8.84
C ARG C 1 9.08 12.19 -9.10
N LEU C 2 9.17 11.39 -8.04
CA LEU C 2 9.37 9.92 -8.14
C LEU C 2 8.12 9.28 -8.75
N PRO C 3 8.26 8.13 -9.44
CA PRO C 3 7.09 7.31 -9.78
C PRO C 3 6.51 6.68 -8.51
N ALA C 4 5.18 6.58 -8.43
CA ALA C 4 4.44 5.94 -7.31
C ALA C 4 4.84 4.47 -7.21
N LYS C 5 5.14 3.83 -8.35
CA LYS C 5 5.31 2.37 -8.49
C LYS C 5 6.77 2.03 -8.85
N ALA C 6 7.35 1.07 -8.14
CA ALA C 6 8.66 0.44 -8.44
C ALA C 6 8.39 -0.95 -9.02
N PRO C 7 9.12 -1.37 -10.08
CA PRO C 7 8.86 -2.67 -10.71
C PRO C 7 9.18 -3.82 -9.75
N LEU C 8 8.26 -4.79 -9.65
CA LEU C 8 8.43 -6.03 -8.85
C LEU C 8 9.03 -7.10 -9.75
N QM8 C 9 10.27 -7.48 -9.44
CA QM8 C 9 11.02 -8.40 -10.27
CB QM8 C 9 12.51 -8.08 -10.11
CG QM8 C 9 12.86 -6.84 -10.94
CD QM8 C 9 14.08 -6.11 -10.40
CE QM8 C 9 13.94 -4.59 -10.51
SZ QM8 C 9 13.87 -4.11 -12.25
C QM8 C 9 10.71 -9.85 -9.89
O QM8 C 9 11.09 -10.78 -10.60
OXT QM8 C 9 10.07 -10.11 -8.87
N ALA D 2 -3.77 9.70 -1.24
CA ALA D 2 -3.80 8.23 -1.50
C ALA D 2 -4.89 7.90 -2.53
N GLN D 3 -4.97 6.64 -2.95
CA GLN D 3 -6.08 6.07 -3.76
C GLN D 3 -7.38 6.17 -2.95
N GLU D 4 -8.46 6.63 -3.57
CA GLU D 4 -9.79 6.81 -2.92
C GLU D 4 -10.87 6.16 -3.79
N VAL D 5 -11.69 5.29 -3.18
CA VAL D 5 -12.72 4.45 -3.86
C VAL D 5 -14.11 4.93 -3.41
N THR D 6 -14.97 5.26 -4.37
CA THR D 6 -16.40 5.65 -4.15
C THR D 6 -17.30 4.58 -4.77
N GLN D 7 -18.28 4.09 -4.01
CA GLN D 7 -19.30 3.11 -4.48
C GLN D 7 -20.68 3.78 -4.46
N ILE D 8 -21.35 3.76 -5.62
CA ILE D 8 -22.63 4.49 -5.89
C ILE D 8 -23.67 3.49 -6.38
N PRO D 9 -24.86 3.39 -5.75
CA PRO D 9 -25.15 4.09 -4.49
C PRO D 9 -24.69 3.29 -3.26
N ALA D 10 -24.89 3.84 -2.07
CA ALA D 10 -24.51 3.24 -0.77
C ALA D 10 -25.48 2.11 -0.42
N ALA D 11 -26.76 2.29 -0.75
CA ALA D 11 -27.83 1.28 -0.56
C ALA D 11 -28.70 1.21 -1.82
N LEU D 12 -29.15 0.00 -2.18
CA LEU D 12 -30.04 -0.23 -3.35
C LEU D 12 -31.10 -1.27 -2.97
N SER D 13 -32.37 -0.93 -3.17
CA SER D 13 -33.55 -1.83 -3.00
C SER D 13 -34.25 -1.98 -4.36
N VAL D 14 -34.24 -3.19 -4.92
CA VAL D 14 -34.77 -3.50 -6.28
C VAL D 14 -35.71 -4.70 -6.18
N PRO D 15 -36.86 -4.70 -6.90
CA PRO D 15 -37.67 -5.90 -7.07
C PRO D 15 -36.90 -7.00 -7.81
N GLU D 16 -37.02 -8.25 -7.37
CA GLU D 16 -36.35 -9.42 -8.00
C GLU D 16 -36.78 -9.51 -9.47
N GLY D 17 -35.86 -9.89 -10.35
CA GLY D 17 -36.08 -10.03 -11.81
C GLY D 17 -35.54 -8.85 -12.59
N GLU D 18 -35.43 -7.67 -11.95
CA GLU D 18 -34.88 -6.44 -12.57
C GLU D 18 -33.36 -6.54 -12.68
N ASN D 19 -32.80 -5.98 -13.75
CA ASN D 19 -31.35 -5.70 -13.90
C ASN D 19 -31.00 -4.52 -12.98
N LEU D 20 -29.75 -4.43 -12.53
CA LEU D 20 -29.25 -3.34 -11.67
C LEU D 20 -27.73 -3.19 -11.85
N VAL D 21 -27.23 -1.97 -11.64
CA VAL D 21 -25.78 -1.62 -11.71
C VAL D 21 -25.30 -1.21 -10.31
N LEU D 22 -24.24 -1.84 -9.82
CA LEU D 22 -23.40 -1.32 -8.71
C LEU D 22 -22.17 -0.67 -9.34
N ASN D 23 -21.86 0.56 -8.90
CA ASN D 23 -20.80 1.41 -9.51
C ASN D 23 -19.63 1.52 -8.53
N CYS D 24 -18.43 1.64 -9.10
CA CYS D 24 -17.15 1.83 -8.36
C CYS D 24 -16.27 2.80 -9.14
N SER D 25 -15.95 3.95 -8.55
CA SER D 25 -15.04 4.97 -9.14
C SER D 25 -13.83 5.13 -8.23
N PHE D 26 -12.65 5.34 -8.81
CA PHE D 26 -11.35 5.47 -8.09
C PHE D 26 -10.59 6.66 -8.69
N THR D 27 -10.02 7.50 -7.82
CA THR D 27 -9.43 8.82 -8.14
C THR D 27 -8.14 8.62 -8.96
N ASP D 28 -7.29 7.66 -8.56
CA ASP D 28 -6.02 7.32 -9.26
C ASP D 28 -6.27 6.10 -10.17
N SER D 29 -6.18 6.31 -11.48
CA SER D 29 -6.49 5.30 -12.54
C SER D 29 -5.29 4.35 -12.76
N ALA D 30 -4.12 4.66 -12.18
CA ALA D 30 -2.93 3.79 -12.21
C ALA D 30 -3.13 2.62 -11.24
N ILE D 31 -3.96 1.65 -11.61
CA ILE D 31 -4.26 0.42 -10.82
C ILE D 31 -3.78 -0.80 -11.61
N TYR D 32 -3.45 -1.88 -10.91
CA TYR D 32 -3.07 -3.20 -11.48
C TYR D 32 -4.33 -4.06 -11.62
N ASN D 33 -5.16 -4.05 -10.58
CA ASN D 33 -6.36 -4.92 -10.45
C ASN D 33 -7.49 -4.12 -9.80
N LEU D 34 -8.72 -4.34 -10.27
CA LEU D 34 -9.97 -4.00 -9.53
C LEU D 34 -10.66 -5.30 -9.14
N GLN D 35 -11.17 -5.37 -7.91
CA GLN D 35 -11.82 -6.58 -7.41
C GLN D 35 -13.16 -6.25 -6.75
N TRP D 36 -14.18 -7.02 -7.10
CA TRP D 36 -15.54 -6.96 -6.48
C TRP D 36 -15.66 -8.10 -5.47
N PHE D 37 -16.15 -7.79 -4.26
CA PHE D 37 -16.37 -8.77 -3.16
C PHE D 37 -17.84 -8.75 -2.74
N ARG D 38 -18.35 -9.93 -2.36
CA ARG D 38 -19.65 -10.12 -1.66
C ARG D 38 -19.38 -10.32 -0.17
N GLN D 39 -20.18 -9.68 0.67
CA GLN D 39 -20.08 -9.85 2.14
C GLN D 39 -21.47 -10.00 2.73
N ASP D 40 -21.79 -11.20 3.19
CA ASP D 40 -23.06 -11.51 3.91
C ASP D 40 -22.93 -11.05 5.35
N PRO D 41 -24.05 -10.80 6.07
CA PRO D 41 -23.99 -10.38 7.46
C PRO D 41 -23.14 -11.30 8.34
N GLY D 42 -22.27 -10.71 9.18
CA GLY D 42 -21.42 -11.43 10.16
C GLY D 42 -20.43 -12.39 9.51
N LYS D 43 -20.21 -12.27 8.20
CA LYS D 43 -19.28 -13.13 7.41
C LYS D 43 -18.11 -12.29 6.89
N GLY D 44 -17.05 -12.95 6.44
CA GLY D 44 -15.94 -12.32 5.71
C GLY D 44 -16.35 -11.93 4.30
N LEU D 45 -15.43 -11.32 3.55
CA LEU D 45 -15.60 -11.01 2.12
C LEU D 45 -15.17 -12.23 1.29
N THR D 46 -15.91 -12.54 0.23
CA THR D 46 -15.51 -13.54 -0.80
C THR D 46 -15.43 -12.83 -2.15
N SER D 47 -14.31 -13.02 -2.86
CA SER D 47 -14.03 -12.40 -4.17
C SER D 47 -15.04 -12.90 -5.20
N LEU D 48 -15.78 -11.98 -5.84
CA LEU D 48 -16.72 -12.27 -6.95
C LEU D 48 -15.97 -12.25 -8.27
N LEU D 49 -15.36 -11.10 -8.61
CA LEU D 49 -14.67 -10.87 -9.90
C LEU D 49 -13.37 -10.08 -9.67
N LEU D 50 -12.31 -10.47 -10.38
CA LEU D 50 -11.02 -9.76 -10.47
C LEU D 50 -10.80 -9.31 -11.92
N ILE D 51 -10.58 -8.02 -12.15
CA ILE D 51 -10.30 -7.45 -13.50
C ILE D 51 -8.89 -6.83 -13.48
N GLN D 52 -7.96 -7.41 -14.25
CA GLN D 52 -6.62 -6.84 -14.49
C GLN D 52 -6.76 -5.53 -15.29
N SER D 53 -5.87 -4.57 -15.04
CA SER D 53 -5.82 -3.26 -15.74
C SER D 53 -5.79 -3.47 -17.26
N SER D 54 -5.23 -4.61 -17.70
CA SER D 54 -5.09 -5.01 -19.13
C SER D 54 -6.44 -5.46 -19.70
N GLN D 55 -7.34 -5.98 -18.86
CA GLN D 55 -8.68 -6.52 -19.26
C GLN D 55 -9.71 -5.38 -19.22
N ARG D 56 -10.82 -5.55 -19.95
CA ARG D 56 -11.92 -4.55 -20.05
C ARG D 56 -13.20 -5.06 -19.35
N GLU D 57 -13.37 -6.36 -19.17
CA GLU D 57 -14.53 -6.92 -18.41
C GLU D 57 -14.24 -8.35 -17.95
N GLN D 58 -14.99 -8.78 -16.93
CA GLN D 58 -15.04 -10.19 -16.42
C GLN D 58 -16.49 -10.53 -16.11
N THR D 59 -16.94 -11.72 -16.52
CA THR D 59 -18.34 -12.22 -16.35
C THR D 59 -18.32 -13.45 -15.44
N SER D 60 -19.24 -13.51 -14.48
CA SER D 60 -19.49 -14.68 -13.60
C SER D 60 -21.00 -14.86 -13.43
N GLY D 61 -21.61 -15.70 -14.27
CA GLY D 61 -23.06 -15.96 -14.29
C GLY D 61 -23.84 -14.72 -14.67
N ARG D 62 -24.67 -14.20 -13.76
CA ARG D 62 -25.53 -13.00 -13.95
C ARG D 62 -24.75 -11.74 -13.54
N LEU D 63 -23.49 -11.89 -13.13
CA LEU D 63 -22.57 -10.78 -12.77
C LEU D 63 -21.64 -10.51 -13.96
N ASN D 64 -21.62 -9.27 -14.45
CA ASN D 64 -20.62 -8.77 -15.43
C ASN D 64 -20.02 -7.48 -14.86
N ALA D 65 -18.70 -7.46 -14.65
CA ALA D 65 -17.94 -6.30 -14.17
C ALA D 65 -17.08 -5.76 -15.32
N SER D 66 -17.23 -4.48 -15.65
CA SER D 66 -16.44 -3.75 -16.69
C SER D 66 -15.42 -2.85 -15.98
N LEU D 67 -14.29 -2.59 -16.62
CA LEU D 67 -13.24 -1.66 -16.11
C LEU D 67 -12.93 -0.62 -17.18
N ASP D 68 -13.08 0.67 -16.83
CA ASP D 68 -12.74 1.85 -17.67
C ASP D 68 -11.72 2.70 -16.90
N LYS D 69 -10.43 2.41 -17.10
CA LYS D 69 -9.29 3.10 -16.43
C LYS D 69 -9.35 4.61 -16.68
N SER D 70 -9.56 5.02 -17.94
CA SER D 70 -9.53 6.43 -18.40
C SER D 70 -10.51 7.27 -17.57
N SER D 71 -11.78 6.88 -17.52
CA SER D 71 -12.85 7.53 -16.71
C SER D 71 -12.67 7.14 -15.23
N GLY D 72 -11.98 6.04 -14.96
CA GLY D 72 -11.56 5.62 -13.61
C GLY D 72 -12.70 5.03 -12.82
N ARG D 73 -13.39 4.04 -13.39
CA ARG D 73 -14.59 3.42 -12.76
C ARG D 73 -14.82 2.01 -13.26
N SER D 74 -15.58 1.23 -12.48
CA SER D 74 -16.10 -0.12 -12.81
C SER D 74 -17.61 -0.15 -12.60
N THR D 75 -18.34 -0.81 -13.50
CA THR D 75 -19.79 -1.11 -13.39
C THR D 75 -19.94 -2.62 -13.20
N LEU D 76 -20.50 -3.04 -12.06
CA LEU D 76 -20.93 -4.44 -11.81
C LEU D 76 -22.41 -4.57 -12.19
N TYR D 77 -22.70 -5.17 -13.35
CA TYR D 77 -24.07 -5.40 -13.87
C TYR D 77 -24.59 -6.73 -13.32
N ILE D 78 -25.67 -6.66 -12.53
CA ILE D 78 -26.37 -7.86 -11.98
C ILE D 78 -27.66 -8.06 -12.78
N ALA D 79 -27.66 -9.07 -13.68
CA ALA D 79 -28.80 -9.42 -14.55
C ALA D 79 -29.84 -10.20 -13.74
N ALA D 80 -31.13 -10.02 -14.08
CA ALA D 80 -32.29 -10.75 -13.51
C ALA D 80 -32.04 -11.04 -12.02
N SER D 81 -32.04 -9.98 -11.20
CA SER D 81 -31.65 -10.01 -9.76
C SER D 81 -32.53 -10.99 -8.99
N GLN D 82 -31.92 -11.79 -8.11
CA GLN D 82 -32.61 -12.77 -7.23
C GLN D 82 -32.46 -12.32 -5.77
N PRO D 83 -33.39 -12.69 -4.87
CA PRO D 83 -33.26 -12.34 -3.45
C PRO D 83 -31.94 -12.83 -2.84
N GLY D 84 -31.40 -13.96 -3.35
CA GLY D 84 -30.10 -14.54 -2.97
C GLY D 84 -28.93 -13.61 -3.26
N ASP D 85 -29.11 -12.60 -4.12
CA ASP D 85 -28.09 -11.56 -4.44
C ASP D 85 -28.00 -10.55 -3.30
N SER D 86 -29.03 -10.45 -2.46
CA SER D 86 -29.09 -9.53 -1.29
C SER D 86 -27.85 -9.74 -0.43
N ALA D 87 -26.99 -8.71 -0.33
CA ALA D 87 -25.71 -8.72 0.40
C ALA D 87 -25.08 -7.33 0.35
N THR D 88 -23.95 -7.14 1.02
CA THR D 88 -23.06 -5.95 0.88
C THR D 88 -22.02 -6.26 -0.20
N TYR D 89 -21.94 -5.43 -1.23
CA TYR D 89 -20.98 -5.53 -2.36
C TYR D 89 -19.88 -4.49 -2.16
N LEU D 90 -18.63 -4.94 -2.08
CA LEU D 90 -17.45 -4.10 -1.76
C LEU D 90 -16.50 -4.12 -2.96
N CYS D 91 -16.03 -2.93 -3.34
CA CYS D 91 -15.08 -2.68 -4.45
C CYS D 91 -13.71 -2.30 -3.86
N ALA D 92 -12.64 -2.91 -4.37
CA ALA D 92 -11.24 -2.61 -3.99
C ALA D 92 -10.39 -2.47 -5.25
N VAL D 93 -9.48 -1.50 -5.24
CA VAL D 93 -8.40 -1.32 -6.26
C VAL D 93 -7.06 -1.31 -5.53
N THR D 94 -5.97 -1.57 -6.24
CA THR D 94 -4.58 -1.49 -5.71
C THR D 94 -4.30 -0.05 -5.29
N ASN D 95 -3.65 0.14 -4.13
CA ASN D 95 -3.10 1.45 -3.68
C ASN D 95 -2.05 1.92 -4.69
N GLN D 96 -1.59 3.16 -4.55
CA GLN D 96 -0.63 3.80 -5.50
C GLN D 96 0.68 3.01 -5.56
N ALA D 97 1.11 2.42 -4.44
CA ALA D 97 2.36 1.62 -4.31
C ALA D 97 2.21 0.26 -5.00
N GLY D 98 0.98 -0.24 -5.15
CA GLY D 98 0.69 -1.59 -5.67
C GLY D 98 1.15 -2.66 -4.70
N THR D 99 0.84 -2.48 -3.42
CA THR D 99 1.34 -3.29 -2.27
C THR D 99 0.19 -3.81 -1.40
N ALA D 100 -1.01 -3.25 -1.52
CA ALA D 100 -2.23 -3.65 -0.77
C ALA D 100 -3.46 -3.09 -1.48
N LEU D 101 -4.66 -3.55 -1.08
CA LEU D 101 -5.96 -3.15 -1.69
C LEU D 101 -6.61 -2.07 -0.82
N ILE D 102 -7.11 -1.01 -1.47
CA ILE D 102 -7.96 0.07 -0.86
C ILE D 102 -9.41 -0.24 -1.21
N PHE D 103 -10.30 -0.20 -0.22
CA PHE D 103 -11.74 -0.54 -0.35
C PHE D 103 -12.61 0.73 -0.33
N GLY D 104 -13.71 0.70 -1.07
CA GLY D 104 -14.82 1.66 -0.93
C GLY D 104 -15.67 1.33 0.27
N LYS D 105 -16.73 2.11 0.50
CA LYS D 105 -17.62 2.01 1.69
C LYS D 105 -18.68 0.92 1.47
N GLY D 106 -18.69 0.30 0.28
CA GLY D 106 -19.59 -0.82 -0.07
C GLY D 106 -20.96 -0.32 -0.51
N THR D 107 -21.65 -1.13 -1.34
CA THR D 107 -23.08 -0.95 -1.68
C THR D 107 -23.87 -2.11 -1.08
N THR D 108 -24.80 -1.81 -0.18
CA THR D 108 -25.73 -2.80 0.42
C THR D 108 -26.91 -2.96 -0.55
N LEU D 109 -27.04 -4.15 -1.15
CA LEU D 109 -28.10 -4.50 -2.13
C LEU D 109 -29.20 -5.31 -1.43
N SER D 110 -30.45 -4.88 -1.57
CA SER D 110 -31.66 -5.60 -1.11
C SER D 110 -32.54 -5.93 -2.33
N VAL D 111 -32.46 -7.17 -2.82
CA VAL D 111 -33.36 -7.68 -3.91
C VAL D 111 -34.65 -8.19 -3.23
N SER D 112 -35.69 -7.38 -3.25
CA SER D 112 -36.97 -7.61 -2.52
C SER D 112 -37.72 -8.79 -3.16
N SER D 113 -38.14 -9.76 -2.34
CA SER D 113 -38.89 -10.98 -2.76
C SER D 113 -40.27 -10.57 -3.27
N ASN D 114 -40.75 -11.25 -4.33
CA ASN D 114 -42.11 -11.05 -4.90
C ASN D 114 -43.11 -11.82 -4.04
N ILE D 115 -44.00 -11.10 -3.35
CA ILE D 115 -45.12 -11.70 -2.55
C ILE D 115 -46.32 -11.88 -3.49
N GLN D 116 -46.52 -13.11 -3.97
CA GLN D 116 -47.55 -13.51 -4.96
C GLN D 116 -48.91 -12.92 -4.57
N ASN D 117 -49.41 -13.28 -3.39
CA ASN D 117 -50.74 -12.90 -2.88
C ASN D 117 -50.58 -12.31 -1.48
N PRO D 118 -50.32 -10.98 -1.36
CA PRO D 118 -50.21 -10.32 -0.06
C PRO D 118 -51.50 -10.50 0.76
N ASP D 119 -51.34 -10.76 2.06
CA ASP D 119 -52.44 -11.00 3.02
C ASP D 119 -52.10 -10.29 4.33
N PRO D 120 -51.85 -8.96 4.30
CA PRO D 120 -51.41 -8.24 5.49
C PRO D 120 -52.35 -8.47 6.68
N ALA D 121 -51.77 -8.88 7.82
CA ALA D 121 -52.49 -9.20 9.07
C ALA D 121 -51.56 -9.00 10.26
N VAL D 122 -52.09 -8.48 11.37
CA VAL D 122 -51.39 -8.38 12.69
C VAL D 122 -51.95 -9.47 13.60
N TYR D 123 -51.08 -10.13 14.37
CA TYR D 123 -51.40 -11.24 15.30
C TYR D 123 -50.74 -10.98 16.65
N GLN D 124 -51.32 -11.51 17.72
CA GLN D 124 -50.75 -11.47 19.10
C GLN D 124 -50.30 -12.89 19.47
N LEU D 125 -49.09 -13.00 20.04
CA LEU D 125 -48.44 -14.27 20.42
C LEU D 125 -48.12 -14.24 21.92
N ARG D 126 -48.50 -15.29 22.65
CA ARG D 126 -48.26 -15.44 24.12
C ARG D 126 -46.91 -16.12 24.33
N ASP D 127 -46.14 -15.63 25.33
CA ASP D 127 -44.89 -16.27 25.80
C ASP D 127 -45.20 -17.71 26.21
N SER D 128 -44.47 -18.68 25.68
CA SER D 128 -44.64 -20.13 25.94
C SER D 128 -44.56 -20.41 27.44
N LYS D 129 -43.70 -19.68 28.17
CA LYS D 129 -43.43 -19.88 29.63
C LYS D 129 -44.35 -18.97 30.46
N SER D 130 -45.64 -18.90 30.10
CA SER D 130 -46.69 -18.10 30.78
C SER D 130 -46.24 -16.62 30.86
N SER D 131 -46.31 -16.01 32.05
CA SER D 131 -45.83 -14.63 32.37
C SER D 131 -46.90 -13.58 32.00
N ASP D 132 -47.81 -13.91 31.07
CA ASP D 132 -48.77 -12.96 30.44
C ASP D 132 -47.98 -11.92 29.62
N LYS D 133 -46.76 -12.26 29.19
CA LYS D 133 -45.96 -11.47 28.22
C LYS D 133 -46.44 -11.82 26.81
N SER D 134 -46.47 -10.83 25.91
CA SER D 134 -46.92 -11.01 24.50
C SER D 134 -46.08 -10.15 23.55
N VAL D 135 -46.05 -10.53 22.27
CA VAL D 135 -45.49 -9.73 21.15
C VAL D 135 -46.57 -9.64 20.06
N CYS D 136 -46.51 -8.59 19.24
CA CYS D 136 -47.39 -8.37 18.07
C CYS D 136 -46.61 -8.71 16.79
N LEU D 137 -47.18 -9.55 15.93
CA LEU D 137 -46.59 -9.97 14.63
C LEU D 137 -47.41 -9.36 13.49
N PHE D 138 -46.77 -8.52 12.68
CA PHE D 138 -47.27 -8.03 11.36
C PHE D 138 -46.61 -8.90 10.28
N THR D 139 -47.40 -9.59 9.45
CA THR D 139 -46.91 -10.64 8.54
C THR D 139 -47.75 -10.69 7.25
N ASP D 140 -47.17 -11.28 6.19
CA ASP D 140 -47.80 -11.58 4.88
C ASP D 140 -48.11 -10.29 4.12
N PHE D 141 -47.45 -9.18 4.47
CA PHE D 141 -47.60 -7.87 3.78
C PHE D 141 -46.66 -7.84 2.57
N ASP D 142 -46.85 -6.86 1.68
CA ASP D 142 -46.10 -6.71 0.41
C ASP D 142 -44.67 -6.29 0.73
N SER D 143 -43.70 -6.71 -0.09
CA SER D 143 -42.25 -6.41 0.08
C SER D 143 -41.98 -4.90 -0.08
N GLN D 144 -42.91 -4.17 -0.70
CA GLN D 144 -42.80 -2.70 -0.96
C GLN D 144 -43.43 -1.92 0.21
N THR D 145 -44.05 -2.63 1.17
CA THR D 145 -44.59 -2.05 2.43
C THR D 145 -43.42 -1.64 3.33
N ASN D 146 -43.33 -0.36 3.70
CA ASN D 146 -42.32 0.18 4.64
C ASN D 146 -42.86 0.02 6.07
N VAL D 147 -42.04 -0.50 6.98
CA VAL D 147 -42.38 -0.66 8.43
C VAL D 147 -42.00 0.64 9.15
N SER D 148 -42.97 1.30 9.78
CA SER D 148 -42.78 2.56 10.54
C SER D 148 -42.11 2.26 11.90
N GLN D 149 -41.05 3.00 12.22
CA GLN D 149 -40.41 2.98 13.57
C GLN D 149 -41.39 3.63 14.56
N SER D 150 -41.44 3.14 15.80
CA SER D 150 -42.41 3.55 16.85
C SER D 150 -42.22 5.02 17.22
N LYS D 151 -40.95 5.45 17.37
CA LYS D 151 -40.54 6.80 17.85
C LYS D 151 -40.81 6.93 19.36
N ASP D 152 -41.66 6.07 19.93
CA ASP D 152 -41.92 5.96 21.39
C ASP D 152 -40.77 5.17 22.02
N SER D 153 -40.34 5.57 23.23
CA SER D 153 -39.28 4.88 24.02
C SER D 153 -39.83 3.57 24.60
N ASP D 154 -41.13 3.52 24.89
CA ASP D 154 -41.81 2.41 25.61
C ASP D 154 -42.17 1.29 24.64
N VAL D 155 -42.50 1.63 23.39
CA VAL D 155 -42.92 0.66 22.33
C VAL D 155 -41.74 0.44 21.36
N TYR D 156 -41.43 -0.83 21.07
CA TYR D 156 -40.36 -1.27 20.15
C TYR D 156 -40.99 -1.91 18.90
N ILE D 157 -40.48 -1.56 17.71
CA ILE D 157 -40.88 -2.16 16.41
C ILE D 157 -39.60 -2.46 15.62
N THR D 158 -39.47 -3.70 15.12
CA THR D 158 -38.31 -4.16 14.32
C THR D 158 -38.52 -3.78 12.86
N ASP D 159 -37.45 -3.81 12.07
CA ASP D 159 -37.51 -3.74 10.59
C ASP D 159 -38.05 -5.09 10.08
N LYS D 160 -38.50 -5.15 8.83
CA LYS D 160 -39.01 -6.39 8.20
C LYS D 160 -37.86 -7.37 7.99
N CYS D 161 -38.16 -8.67 7.92
CA CYS D 161 -37.31 -9.72 7.29
C CYS D 161 -38.23 -10.74 6.60
N VAL D 162 -37.80 -11.24 5.44
CA VAL D 162 -38.51 -12.30 4.66
C VAL D 162 -37.97 -13.67 5.08
N LEU D 163 -38.86 -14.64 5.30
CA LEU D 163 -38.51 -16.05 5.59
C LEU D 163 -39.04 -16.93 4.45
N ASP D 164 -38.32 -18.01 4.13
CA ASP D 164 -38.59 -18.91 2.98
C ASP D 164 -39.01 -20.28 3.52
N MET D 165 -40.29 -20.63 3.34
CA MET D 165 -40.84 -21.97 3.64
C MET D 165 -40.69 -22.86 2.40
N ARG D 166 -39.45 -23.34 2.17
CA ARG D 166 -39.03 -24.15 0.99
C ARG D 166 -40.10 -25.22 0.69
N SER D 167 -40.47 -25.99 1.71
CA SER D 167 -41.40 -27.15 1.65
C SER D 167 -42.74 -26.74 0.99
N MET D 168 -43.23 -25.54 1.29
CA MET D 168 -44.54 -25.02 0.82
C MET D 168 -44.33 -24.06 -0.36
N ASP D 169 -43.08 -23.87 -0.80
CA ASP D 169 -42.68 -22.90 -1.86
C ASP D 169 -43.27 -21.52 -1.54
N PHE D 170 -43.31 -21.17 -0.25
CA PHE D 170 -43.96 -19.95 0.28
C PHE D 170 -42.90 -19.02 0.89
N LYS D 171 -42.97 -17.73 0.56
CA LYS D 171 -42.19 -16.64 1.18
C LYS D 171 -43.17 -15.70 1.90
N SER D 172 -42.74 -15.08 2.99
CA SER D 172 -43.54 -14.10 3.77
C SER D 172 -42.62 -13.15 4.53
N ASN D 173 -42.94 -11.85 4.49
CA ASN D 173 -42.31 -10.80 5.32
C ASN D 173 -42.91 -10.87 6.73
N SER D 174 -42.24 -10.27 7.70
CA SER D 174 -42.73 -10.10 9.09
C SER D 174 -41.92 -9.01 9.80
N ALA D 175 -42.60 -8.21 10.62
CA ALA D 175 -41.99 -7.28 11.62
C ALA D 175 -42.64 -7.57 12.98
N VAL D 176 -41.87 -7.43 14.07
CA VAL D 176 -42.32 -7.70 15.46
C VAL D 176 -42.43 -6.38 16.21
N ALA D 177 -43.42 -6.27 17.10
CA ALA D 177 -43.65 -5.13 18.01
C ALA D 177 -43.97 -5.65 19.41
N TRP D 178 -43.42 -5.02 20.45
CA TRP D 178 -43.67 -5.35 21.87
C TRP D 178 -43.49 -4.11 22.75
N SER D 179 -44.07 -4.15 23.95
CA SER D 179 -43.96 -3.12 25.01
C SER D 179 -44.07 -3.78 26.38
N ASN D 180 -43.46 -3.17 27.40
CA ASN D 180 -43.52 -3.62 28.81
C ASN D 180 -44.56 -2.75 29.55
N LYS D 181 -45.72 -2.57 28.93
CA LYS D 181 -46.89 -1.82 29.49
C LYS D 181 -48.10 -2.78 29.55
N SER D 182 -49.26 -2.28 29.98
CA SER D 182 -50.56 -2.99 29.94
C SER D 182 -51.59 -2.18 29.13
N ASP D 183 -51.20 -1.01 28.60
CA ASP D 183 -52.07 -0.12 27.79
C ASP D 183 -51.52 -0.04 26.37
N ALA D 185 -51.78 -2.22 22.59
CA ALA D 185 -52.58 -3.17 21.79
C ALA D 185 -51.96 -3.35 20.41
N CYS D 186 -52.00 -4.58 19.88
CA CYS D 186 -51.43 -4.98 18.56
C CYS D 186 -52.24 -4.36 17.42
N ALA D 187 -53.57 -4.31 17.57
CA ALA D 187 -54.55 -3.84 16.56
C ALA D 187 -54.01 -2.62 15.79
N ASN D 188 -53.44 -1.64 16.50
CA ASN D 188 -53.01 -0.32 15.94
C ASN D 188 -51.54 -0.07 16.28
N ALA D 189 -50.73 -1.13 16.40
CA ALA D 189 -49.33 -1.09 16.86
C ALA D 189 -48.38 -0.64 15.73
N PHE D 190 -48.64 -1.09 14.50
CA PHE D 190 -47.68 -1.03 13.36
C PHE D 190 -47.86 0.26 12.55
N ASN D 191 -49.10 0.75 12.40
CA ASN D 191 -49.42 2.04 11.75
C ASN D 191 -50.78 2.55 12.28
N ALA E 2 -7.56 -24.59 4.46
CA ALA E 2 -8.10 -23.82 5.62
C ALA E 2 -8.39 -22.36 5.24
N GLY E 3 -7.67 -21.82 4.25
CA GLY E 3 -7.76 -20.40 3.83
C GLY E 3 -7.11 -19.50 4.87
N VAL E 4 -7.82 -18.43 5.29
CA VAL E 4 -7.36 -17.44 6.30
C VAL E 4 -8.07 -17.72 7.62
N THR E 5 -7.29 -17.93 8.70
CA THR E 5 -7.77 -18.18 10.09
C THR E 5 -7.70 -16.87 10.89
N GLN E 6 -8.72 -16.62 11.71
CA GLN E 6 -8.77 -15.48 12.67
C GLN E 6 -9.33 -15.96 14.01
N THR E 7 -8.64 -15.67 15.10
CA THR E 7 -9.14 -15.83 16.49
C THR E 7 -8.86 -14.54 17.25
N PRO E 8 -9.73 -14.12 18.20
CA PRO E 8 -11.00 -14.80 18.48
C PRO E 8 -12.12 -14.29 17.57
N LYS E 9 -13.27 -14.95 17.57
CA LYS E 9 -14.45 -14.53 16.76
C LYS E 9 -15.06 -13.27 17.38
N PHE E 10 -15.15 -13.23 18.72
CA PHE E 10 -15.68 -12.10 19.52
C PHE E 10 -14.74 -11.81 20.69
N GLN E 11 -14.65 -10.54 21.10
CA GLN E 11 -13.79 -10.08 22.22
C GLN E 11 -14.34 -8.78 22.82
N VAL E 12 -14.50 -8.75 24.14
CA VAL E 12 -14.73 -7.52 24.95
C VAL E 12 -13.40 -7.15 25.62
N LEU E 13 -13.09 -5.84 25.65
CA LEU E 13 -11.87 -5.29 26.31
C LEU E 13 -12.29 -4.08 27.16
N LYS E 14 -11.63 -3.90 28.31
CA LYS E 14 -11.68 -2.66 29.13
C LYS E 14 -10.70 -1.68 28.51
N THR E 15 -11.04 -0.38 28.49
CA THR E 15 -10.15 0.70 27.97
C THR E 15 -8.78 0.57 28.64
N GLY E 16 -7.71 0.60 27.84
CA GLY E 16 -6.31 0.54 28.33
C GLY E 16 -5.73 -0.86 28.28
N GLN E 17 -6.57 -1.89 28.16
CA GLN E 17 -6.13 -3.32 28.02
C GLN E 17 -5.40 -3.49 26.68
N SER E 18 -4.44 -4.41 26.63
CA SER E 18 -3.71 -4.82 25.40
C SER E 18 -4.28 -6.15 24.91
N MET E 19 -4.21 -6.39 23.60
CA MET E 19 -4.91 -7.52 22.91
C MET E 19 -4.19 -7.84 21.60
N THR E 20 -3.94 -9.13 21.34
CA THR E 20 -3.42 -9.67 20.05
C THR E 20 -4.58 -10.35 19.31
N LEU E 21 -4.98 -9.81 18.17
CA LEU E 21 -5.88 -10.49 17.19
C LEU E 21 -5.02 -11.40 16.32
N GLN E 22 -5.26 -12.71 16.37
CA GLN E 22 -4.46 -13.73 15.64
C GLN E 22 -4.97 -13.83 14.20
N CYS E 23 -4.05 -14.01 13.25
CA CYS E 23 -4.37 -14.31 11.82
C CYS E 23 -3.30 -15.25 11.26
N SER E 24 -3.74 -16.33 10.60
CA SER E 24 -2.88 -17.31 9.89
C SER E 24 -3.49 -17.62 8.52
N GLN E 25 -2.63 -17.88 7.54
CA GLN E 25 -2.99 -18.53 6.25
C GLN E 25 -1.94 -19.60 5.97
N ASP E 26 -2.36 -20.71 5.34
CA ASP E 26 -1.50 -21.87 5.00
C ASP E 26 -1.40 -21.98 3.47
N MET E 27 -1.61 -20.86 2.77
CA MET E 27 -1.62 -20.78 1.28
C MET E 27 -0.27 -20.23 0.78
N ASN E 28 0.63 -19.88 1.71
CA ASN E 28 2.02 -19.44 1.43
C ASN E 28 2.02 -18.05 0.78
N HIS E 29 1.00 -17.24 1.03
CA HIS E 29 0.84 -15.89 0.43
C HIS E 29 1.87 -14.93 1.03
N GLU E 30 2.53 -14.15 0.17
CA GLU E 30 3.53 -13.12 0.55
C GLU E 30 2.81 -11.89 1.09
N TYR E 31 1.61 -11.62 0.58
CA TYR E 31 0.82 -10.38 0.85
C TYR E 31 -0.29 -10.65 1.85
N MET E 32 -0.22 -9.99 3.01
CA MET E 32 -1.23 -10.03 4.10
C MET E 32 -1.53 -8.61 4.57
N SER E 33 -2.76 -8.35 5.01
CA SER E 33 -3.25 -7.01 5.42
C SER E 33 -4.32 -7.13 6.50
N TRP E 34 -4.44 -6.09 7.33
CA TRP E 34 -5.50 -5.92 8.37
C TRP E 34 -6.38 -4.72 8.00
N TYR E 35 -7.70 -4.93 8.00
CA TYR E 35 -8.72 -3.87 7.80
C TYR E 35 -9.64 -3.84 9.02
N ARG E 36 -10.23 -2.67 9.30
CA ARG E 36 -11.37 -2.52 10.24
C ARG E 36 -12.61 -2.11 9.43
N GLN E 37 -13.73 -2.78 9.67
CA GLN E 37 -15.04 -2.46 9.05
C GLN E 37 -15.93 -1.79 10.10
N ASP E 38 -16.46 -0.61 9.77
CA ASP E 38 -17.39 0.17 10.63
C ASP E 38 -18.63 0.50 9.81
N PRO E 39 -19.82 0.65 10.44
CA PRO E 39 -21.06 0.94 9.70
C PRO E 39 -20.91 2.07 8.67
N GLY E 40 -21.17 1.76 7.40
CA GLY E 40 -21.17 2.71 6.27
C GLY E 40 -19.77 3.17 5.87
N MET E 41 -18.72 2.63 6.50
CA MET E 41 -17.31 3.06 6.31
C MET E 41 -16.53 2.03 5.49
N GLY E 42 -17.12 0.88 5.18
CA GLY E 42 -16.47 -0.26 4.49
C GLY E 42 -15.21 -0.70 5.23
N LEU E 43 -14.19 -1.14 4.50
CA LEU E 43 -12.91 -1.65 5.05
C LEU E 43 -11.85 -0.56 4.94
N ARG E 44 -11.15 -0.26 6.05
CA ARG E 44 -10.06 0.75 6.11
C ARG E 44 -8.76 0.04 6.52
N LEU E 45 -7.73 0.13 5.68
CA LEU E 45 -6.43 -0.58 5.84
C LEU E 45 -5.71 -0.03 7.07
N ILE E 46 -5.41 -0.91 8.04
CA ILE E 46 -4.69 -0.57 9.30
C ILE E 46 -3.18 -0.74 9.06
N HIS E 47 -2.77 -1.95 8.68
CA HIS E 47 -1.37 -2.33 8.37
C HIS E 47 -1.39 -3.38 7.24
N TYR E 48 -0.32 -3.47 6.46
CA TYR E 48 -0.14 -4.50 5.40
C TYR E 48 1.31 -4.99 5.41
N SER E 49 1.52 -6.19 4.88
CA SER E 49 2.83 -6.87 4.74
C SER E 49 2.99 -7.37 3.30
N VAL E 50 4.19 -7.19 2.72
CA VAL E 50 4.54 -7.63 1.34
C VAL E 50 5.48 -8.84 1.41
N GLY E 51 5.72 -9.36 2.63
CA GLY E 51 6.59 -10.53 2.87
C GLY E 51 7.00 -10.62 4.34
N ALA E 52 7.60 -11.76 4.72
CA ALA E 52 8.12 -12.04 6.08
C ALA E 52 9.07 -10.92 6.51
N GLY E 53 8.86 -10.36 7.71
CA GLY E 53 9.74 -9.34 8.32
C GLY E 53 9.52 -7.96 7.73
N ILE E 54 8.56 -7.81 6.81
CA ILE E 54 8.25 -6.52 6.10
C ILE E 54 6.78 -6.17 6.36
N THR E 55 6.54 -5.08 7.09
CA THR E 55 5.20 -4.52 7.36
C THR E 55 5.28 -3.00 7.15
N ASP E 56 4.13 -2.37 6.86
CA ASP E 56 4.03 -0.89 6.72
C ASP E 56 2.66 -0.43 7.20
N GLN E 57 2.54 0.88 7.45
CA GLN E 57 1.29 1.54 7.94
C GLN E 57 0.29 1.63 6.78
N GLY E 58 -1.01 1.46 7.08
CA GLY E 58 -2.11 1.64 6.13
C GLY E 58 -2.71 3.03 6.22
N GLU E 59 -4.01 3.16 5.92
CA GLU E 59 -4.77 4.43 5.98
C GLU E 59 -4.94 4.88 7.44
N VAL E 60 -5.20 3.93 8.34
CA VAL E 60 -5.60 4.18 9.76
C VAL E 60 -4.73 3.32 10.69
N PRO E 61 -3.38 3.56 10.71
CA PRO E 61 -2.47 2.70 11.47
C PRO E 61 -2.40 2.96 12.99
N ASN E 62 -2.89 4.12 13.45
CA ASN E 62 -2.71 4.63 14.83
C ASN E 62 -3.49 3.76 15.84
N GLY E 63 -2.80 3.32 16.90
CA GLY E 63 -3.37 2.50 18.00
C GLY E 63 -3.00 1.04 17.86
N TYR E 64 -2.43 0.63 16.72
CA TYR E 64 -2.18 -0.78 16.34
C TYR E 64 -0.71 -1.01 15.99
N ASN E 65 -0.22 -2.22 16.27
CA ASN E 65 1.08 -2.75 15.79
C ASN E 65 0.82 -4.12 15.16
N VAL E 66 1.65 -4.51 14.19
CA VAL E 66 1.64 -5.87 13.58
C VAL E 66 3.07 -6.41 13.60
N SER E 67 3.23 -7.71 13.34
CA SER E 67 4.53 -8.36 13.09
C SER E 67 4.30 -9.52 12.09
N ARG E 68 5.24 -9.69 11.16
CA ARG E 68 5.20 -10.77 10.13
C ARG E 68 6.47 -11.62 10.30
N SER E 69 6.60 -12.27 11.45
CA SER E 69 7.74 -13.15 11.82
C SER E 69 7.87 -14.28 10.80
N THR E 70 6.74 -14.92 10.45
CA THR E 70 6.65 -15.99 9.43
C THR E 70 5.73 -15.54 8.30
N THR E 71 5.70 -16.32 7.21
CA THR E 71 4.75 -16.18 6.06
C THR E 71 3.32 -16.45 6.55
N GLU E 72 3.16 -17.38 7.50
CA GLU E 72 1.85 -17.90 7.97
C GLU E 72 1.13 -16.85 8.82
N ASP E 73 1.84 -16.23 9.77
CA ASP E 73 1.25 -15.47 10.90
C ASP E 73 1.39 -13.97 10.66
N PHE E 74 0.31 -13.22 10.91
CA PHE E 74 0.26 -11.73 10.88
C PHE E 74 -0.55 -11.26 12.07
N PRO E 75 -0.05 -11.41 13.32
CA PRO E 75 -0.75 -10.90 14.51
C PRO E 75 -0.91 -9.37 14.50
N LEU E 76 -2.12 -8.90 14.83
CA LEU E 76 -2.44 -7.46 15.05
C LEU E 76 -2.51 -7.20 16.56
N ARG E 77 -1.71 -6.25 17.04
CA ARG E 77 -1.58 -5.91 18.48
C ARG E 77 -2.25 -4.54 18.73
N LEU E 78 -3.29 -4.53 19.56
CA LEU E 78 -3.84 -3.30 20.20
C LEU E 78 -3.04 -3.05 21.48
N LEU E 79 -2.18 -2.01 21.49
CA LEU E 79 -1.23 -1.72 22.60
C LEU E 79 -2.03 -1.28 23.83
N SER E 80 -2.97 -0.35 23.64
CA SER E 80 -3.84 0.23 24.68
C SER E 80 -5.24 0.47 24.10
N ALA E 81 -6.16 -0.48 24.31
CA ALA E 81 -7.52 -0.52 23.73
C ALA E 81 -8.27 0.78 24.07
N ALA E 82 -8.97 1.36 23.08
CA ALA E 82 -9.80 2.58 23.21
C ALA E 82 -11.17 2.32 22.61
N PRO E 83 -12.26 2.95 23.13
CA PRO E 83 -13.60 2.78 22.60
C PRO E 83 -13.72 2.92 21.07
N SER E 84 -12.96 3.84 20.46
CA SER E 84 -12.95 4.12 19.01
C SER E 84 -12.44 2.91 18.22
N GLN E 85 -11.78 1.96 18.88
CA GLN E 85 -11.25 0.70 18.27
C GLN E 85 -12.32 -0.40 18.33
N THR E 86 -13.52 -0.09 18.81
CA THR E 86 -14.72 -0.96 18.66
C THR E 86 -15.04 -1.05 17.17
N SER E 87 -14.83 -2.22 16.58
CA SER E 87 -15.00 -2.47 15.12
C SER E 87 -15.04 -3.98 14.87
N VAL E 88 -15.18 -4.37 13.60
CA VAL E 88 -14.93 -5.76 13.10
C VAL E 88 -13.61 -5.70 12.33
N TYR E 89 -12.62 -6.50 12.76
CA TYR E 89 -11.25 -6.52 12.20
C TYR E 89 -11.12 -7.72 11.27
N PHE E 90 -10.82 -7.47 10.01
CA PHE E 90 -10.66 -8.49 8.95
C PHE E 90 -9.19 -8.57 8.54
N CYS E 91 -8.65 -9.79 8.53
CA CYS E 91 -7.32 -10.16 8.02
C CYS E 91 -7.48 -10.76 6.62
N ALA E 92 -6.62 -10.37 5.69
CA ALA E 92 -6.68 -10.75 4.26
C ALA E 92 -5.30 -11.18 3.77
N SER E 93 -5.25 -12.06 2.77
CA SER E 93 -4.01 -12.48 2.08
C SER E 93 -4.29 -12.68 0.58
N SER E 94 -3.24 -12.63 -0.24
CA SER E 94 -3.28 -12.92 -1.69
C SER E 94 -1.89 -13.39 -2.14
N TYR E 95 -1.86 -14.23 -3.18
CA TYR E 95 -0.61 -14.70 -3.84
C TYR E 95 0.13 -13.49 -4.42
N SER E 96 -0.63 -12.56 -5.02
CA SER E 96 -0.12 -11.37 -5.73
C SER E 96 -1.11 -10.21 -5.55
N ILE E 97 -0.58 -8.98 -5.48
CA ILE E 97 -1.36 -7.71 -5.49
C ILE E 97 -1.47 -7.21 -6.94
N ARG E 98 -0.42 -7.43 -7.74
CA ARG E 98 -0.22 -6.78 -9.06
C ARG E 98 -0.56 -7.71 -10.22
N GLY E 99 -0.38 -9.03 -10.06
CA GLY E 99 -0.49 -10.02 -11.15
C GLY E 99 -1.92 -10.49 -11.36
N SER E 100 -2.08 -11.45 -12.27
CA SER E 100 -3.38 -12.10 -12.63
C SER E 100 -3.91 -12.91 -11.44
N ARG E 101 -3.01 -13.45 -10.59
CA ARG E 101 -3.35 -14.25 -9.38
C ARG E 101 -3.68 -13.29 -8.23
N GLY E 102 -4.66 -12.40 -8.45
CA GLY E 102 -4.94 -11.24 -7.58
C GLY E 102 -6.05 -11.50 -6.57
N GLU E 103 -6.67 -12.68 -6.56
CA GLU E 103 -7.77 -13.02 -5.63
C GLU E 103 -7.30 -12.76 -4.19
N GLN E 104 -8.09 -12.01 -3.45
CA GLN E 104 -7.82 -11.71 -2.03
C GLN E 104 -8.76 -12.55 -1.17
N PHE E 105 -8.19 -13.28 -0.24
CA PHE E 105 -8.91 -14.20 0.69
C PHE E 105 -9.00 -13.51 2.05
N PHE E 106 -10.20 -13.45 2.63
CA PHE E 106 -10.49 -12.79 3.93
C PHE E 106 -10.73 -13.85 5.01
N GLY E 107 -10.36 -13.53 6.25
CA GLY E 107 -10.71 -14.29 7.45
C GLY E 107 -12.16 -14.02 7.85
N PRO E 108 -12.75 -14.85 8.75
CA PRO E 108 -14.15 -14.68 9.14
C PRO E 108 -14.42 -13.39 9.94
N GLY E 109 -13.37 -12.73 10.44
CA GLY E 109 -13.45 -11.41 11.10
C GLY E 109 -13.49 -11.55 12.62
N THR E 110 -13.11 -10.48 13.33
CA THR E 110 -13.09 -10.42 14.81
C THR E 110 -13.90 -9.20 15.27
N ARG E 111 -15.06 -9.43 15.89
CA ARG E 111 -15.90 -8.39 16.51
C ARG E 111 -15.27 -7.99 17.85
N LEU E 112 -14.74 -6.77 17.94
CA LEU E 112 -14.09 -6.20 19.15
C LEU E 112 -14.97 -5.06 19.69
N THR E 113 -15.21 -5.05 21.00
CA THR E 113 -15.88 -3.94 21.72
C THR E 113 -15.00 -3.54 22.91
N VAL E 114 -14.60 -2.26 22.95
CA VAL E 114 -13.82 -1.66 24.07
C VAL E 114 -14.77 -0.79 24.88
N LEU E 115 -14.93 -1.08 26.17
CA LEU E 115 -15.82 -0.37 27.12
C LEU E 115 -14.97 0.26 28.23
N GLU E 116 -15.42 1.39 28.78
CA GLU E 116 -14.80 2.03 29.97
C GLU E 116 -14.95 1.07 31.15
N ASP E 117 -16.20 0.68 31.44
CA ASP E 117 -16.58 -0.30 32.49
C ASP E 117 -17.12 -1.57 31.84
N LEU E 118 -16.80 -2.73 32.41
CA LEU E 118 -17.44 -4.03 32.05
C LEU E 118 -18.77 -4.15 32.80
N LYS E 119 -19.09 -3.18 33.68
CA LYS E 119 -20.34 -3.10 34.46
C LYS E 119 -21.57 -3.23 33.54
N ASN E 120 -21.53 -2.60 32.37
CA ASN E 120 -22.68 -2.49 31.44
C ASN E 120 -22.91 -3.81 30.70
N VAL E 121 -22.00 -4.78 30.83
CA VAL E 121 -22.04 -6.09 30.10
C VAL E 121 -23.11 -6.98 30.76
N PHE E 122 -24.09 -7.43 29.96
CA PHE E 122 -25.24 -8.26 30.38
C PHE E 122 -25.49 -9.36 29.35
N PRO E 123 -25.80 -10.61 29.78
CA PRO E 123 -26.20 -11.65 28.84
C PRO E 123 -27.65 -11.46 28.44
N PRO E 124 -28.12 -12.07 27.32
CA PRO E 124 -29.51 -11.95 26.91
C PRO E 124 -30.44 -12.75 27.82
N GLU E 125 -31.66 -12.26 28.00
CA GLU E 125 -32.85 -13.06 28.42
C GLU E 125 -33.61 -13.42 27.15
N VAL E 126 -34.06 -14.68 27.04
CA VAL E 126 -34.65 -15.25 25.80
C VAL E 126 -36.04 -15.80 26.11
N ALA E 127 -37.05 -15.37 25.36
CA ALA E 127 -38.44 -15.85 25.42
C ALA E 127 -38.90 -16.27 24.02
N VAL E 128 -39.59 -17.41 23.92
CA VAL E 128 -40.27 -17.89 22.68
C VAL E 128 -41.77 -17.62 22.84
N PHE E 129 -42.37 -16.96 21.85
CA PHE E 129 -43.81 -16.60 21.82
C PHE E 129 -44.52 -17.51 20.81
N GLU E 130 -45.54 -18.23 21.28
CA GLU E 130 -46.23 -19.31 20.51
C GLU E 130 -47.15 -18.68 19.46
N PRO E 131 -47.41 -19.40 18.35
CA PRO E 131 -48.21 -18.86 17.24
C PRO E 131 -49.63 -18.44 17.65
N SER E 132 -50.16 -17.42 16.98
CA SER E 132 -51.58 -16.96 17.10
C SER E 132 -52.50 -18.05 16.55
N GLU E 133 -53.64 -18.30 17.22
CA GLU E 133 -54.70 -19.20 16.74
C GLU E 133 -55.36 -18.58 15.50
N ALA E 134 -55.43 -17.25 15.45
CA ALA E 134 -55.97 -16.45 14.32
C ALA E 134 -55.11 -16.67 13.06
N GLU E 135 -53.78 -16.78 13.24
CA GLU E 135 -52.82 -17.05 12.14
C GLU E 135 -53.04 -18.49 11.62
N ILE E 136 -53.07 -19.46 12.53
CA ILE E 136 -53.21 -20.92 12.22
C ILE E 136 -54.50 -21.15 11.42
N SER E 137 -55.60 -20.54 11.84
CA SER E 137 -56.94 -20.73 11.22
C SER E 137 -57.01 -20.04 9.85
N HIS E 138 -56.43 -18.83 9.74
CA HIS E 138 -56.50 -17.96 8.53
C HIS E 138 -55.52 -18.44 7.45
N THR E 139 -54.31 -18.83 7.84
CA THR E 139 -53.18 -19.12 6.91
C THR E 139 -52.87 -20.62 6.83
N GLN E 140 -53.21 -21.40 7.87
CA GLN E 140 -52.80 -22.82 8.05
C GLN E 140 -51.27 -22.89 8.22
N LYS E 141 -50.67 -21.79 8.71
CA LYS E 141 -49.23 -21.68 9.04
C LYS E 141 -49.10 -21.15 10.47
N ALA E 142 -47.97 -21.43 11.12
CA ALA E 142 -47.69 -21.14 12.55
C ALA E 142 -46.33 -20.45 12.67
N THR E 143 -46.32 -19.15 12.99
CA THR E 143 -45.11 -18.31 13.19
C THR E 143 -44.75 -18.31 14.68
N LEU E 144 -43.59 -18.87 15.03
CA LEU E 144 -42.96 -18.73 16.38
C LEU E 144 -42.06 -17.49 16.36
N VAL E 145 -42.22 -16.60 17.34
CA VAL E 145 -41.34 -15.40 17.52
C VAL E 145 -40.43 -15.67 18.71
N CYS E 146 -39.11 -15.50 18.50
CA CYS E 146 -38.09 -15.45 19.58
C CYS E 146 -37.78 -13.99 19.89
N LEU E 147 -37.48 -13.68 21.14
CA LEU E 147 -37.12 -12.31 21.61
C LEU E 147 -35.98 -12.42 22.62
N ALA E 148 -34.78 -11.99 22.21
CA ALA E 148 -33.58 -11.81 23.07
C ALA E 148 -33.55 -10.36 23.53
N THR E 149 -33.44 -10.12 24.84
CA THR E 149 -33.59 -8.78 25.47
C THR E 149 -32.49 -8.56 26.51
N GLY E 150 -32.05 -7.31 26.65
CA GLY E 150 -31.20 -6.82 27.75
C GLY E 150 -29.74 -7.23 27.63
N PHE E 151 -29.29 -7.62 26.42
CA PHE E 151 -27.89 -8.04 26.17
C PHE E 151 -27.05 -6.80 25.81
N TYR E 152 -25.78 -6.81 26.21
CA TYR E 152 -24.78 -5.75 25.92
C TYR E 152 -23.37 -6.34 26.11
N PRO E 153 -22.42 -6.12 25.17
CA PRO E 153 -22.68 -5.40 23.91
C PRO E 153 -23.40 -6.27 22.88
N ASP E 154 -23.56 -5.76 21.65
CA ASP E 154 -24.21 -6.49 20.53
C ASP E 154 -23.29 -7.63 20.08
N HIS E 155 -23.23 -8.70 20.87
CA HIS E 155 -22.36 -9.89 20.67
C HIS E 155 -23.20 -11.17 20.77
N VAL E 156 -24.12 -11.38 19.83
CA VAL E 156 -25.08 -12.52 19.86
C VAL E 156 -25.18 -13.18 18.48
N GLU E 157 -25.30 -14.51 18.49
CA GLU E 157 -25.71 -15.34 17.33
C GLU E 157 -27.00 -16.08 17.71
N LEU E 158 -28.11 -15.76 17.04
CA LEU E 158 -29.43 -16.42 17.25
C LEU E 158 -29.58 -17.55 16.23
N SER E 159 -30.11 -18.69 16.68
CA SER E 159 -30.39 -19.89 15.86
C SER E 159 -31.61 -20.62 16.41
N TRP E 160 -32.40 -21.25 15.53
CA TRP E 160 -33.58 -22.07 15.87
C TRP E 160 -33.19 -23.55 15.84
N TRP E 161 -33.72 -24.35 16.76
CA TRP E 161 -33.43 -25.80 16.89
C TRP E 161 -34.75 -26.57 17.00
N VAL E 162 -35.15 -27.24 15.91
CA VAL E 162 -36.36 -28.11 15.83
C VAL E 162 -35.90 -29.56 16.00
N ASN E 163 -36.34 -30.21 17.08
CA ASN E 163 -35.99 -31.62 17.43
C ASN E 163 -34.46 -31.74 17.58
N GLY E 164 -33.84 -30.76 18.24
CA GLY E 164 -32.39 -30.74 18.55
C GLY E 164 -31.52 -30.54 17.33
N LYS E 165 -32.12 -30.20 16.18
CA LYS E 165 -31.42 -29.99 14.88
C LYS E 165 -31.58 -28.52 14.48
N GLU E 166 -30.49 -27.84 14.15
CA GLU E 166 -30.50 -26.40 13.76
C GLU E 166 -31.27 -26.24 12.45
N VAL E 167 -32.31 -25.43 12.44
CA VAL E 167 -33.12 -25.10 11.22
C VAL E 167 -32.38 -23.97 10.49
N HIS E 168 -32.42 -23.98 9.15
CA HIS E 168 -31.81 -22.94 8.27
C HIS E 168 -32.84 -22.41 7.26
N SER E 169 -34.13 -22.70 7.46
CA SER E 169 -35.24 -22.33 6.54
C SER E 169 -36.54 -22.16 7.32
N GLY E 170 -37.48 -21.39 6.76
CA GLY E 170 -38.69 -20.92 7.46
C GLY E 170 -38.34 -19.97 8.59
N VAL E 171 -37.17 -19.32 8.49
CA VAL E 171 -36.56 -18.49 9.58
C VAL E 171 -36.06 -17.17 8.97
N CYS E 172 -36.17 -16.07 9.71
CA CYS E 172 -35.39 -14.83 9.49
C CYS E 172 -35.25 -14.06 10.80
N THR E 173 -34.03 -13.60 11.09
CA THR E 173 -33.66 -12.78 12.26
C THR E 173 -33.59 -11.31 11.80
N ASP E 174 -33.92 -10.37 12.68
CA ASP E 174 -33.77 -8.91 12.40
C ASP E 174 -32.35 -8.67 11.89
N PRO E 175 -32.15 -7.83 10.86
CA PRO E 175 -30.80 -7.52 10.37
C PRO E 175 -29.99 -6.76 11.44
N GLN E 176 -30.63 -5.86 12.18
CA GLN E 176 -30.01 -5.03 13.25
C GLN E 176 -30.76 -5.24 14.57
N PRO E 177 -30.06 -5.35 15.72
CA PRO E 177 -30.72 -5.29 17.03
C PRO E 177 -31.21 -3.86 17.34
N LEU E 178 -32.31 -3.75 18.10
CA LEU E 178 -32.86 -2.46 18.58
C LEU E 178 -32.20 -2.11 19.93
N LYS E 179 -31.99 -0.82 20.19
CA LYS E 179 -31.53 -0.30 21.50
C LYS E 179 -32.77 -0.11 22.40
N GLU E 180 -32.77 -0.76 23.56
CA GLU E 180 -33.91 -0.77 24.52
C GLU E 180 -34.12 0.64 25.09
N GLN E 181 -33.04 1.40 25.24
CA GLN E 181 -33.05 2.83 25.66
C GLN E 181 -32.34 3.65 24.59
N PRO E 182 -32.99 3.93 23.44
CA PRO E 182 -32.32 4.58 22.30
C PRO E 182 -31.55 5.86 22.67
N ALA E 183 -32.01 6.57 23.71
CA ALA E 183 -31.39 7.81 24.26
C ALA E 183 -30.00 7.49 24.82
N LEU E 184 -29.92 6.53 25.74
CA LEU E 184 -28.67 6.11 26.45
C LEU E 184 -27.66 5.60 25.41
N ASN E 185 -26.38 5.98 25.56
CA ASN E 185 -25.29 5.66 24.59
C ASN E 185 -24.78 4.24 24.83
N ASP E 186 -24.89 3.73 26.07
CA ASP E 186 -24.50 2.35 26.47
C ASP E 186 -25.77 1.49 26.60
N SER E 187 -26.81 1.79 25.81
CA SER E 187 -28.12 1.11 25.83
C SER E 187 -27.94 -0.39 25.59
N ARG E 188 -28.64 -1.21 26.37
CA ARG E 188 -28.71 -2.69 26.19
C ARG E 188 -29.61 -2.97 24.98
N TYR E 189 -29.44 -4.13 24.34
CA TYR E 189 -30.02 -4.45 23.01
C TYR E 189 -31.14 -5.50 23.12
N ALA E 190 -32.04 -5.49 22.13
CA ALA E 190 -33.08 -6.51 21.90
C ALA E 190 -32.96 -7.03 20.46
N LEU E 191 -33.25 -8.31 20.26
CA LEU E 191 -33.22 -8.98 18.93
C LEU E 191 -34.38 -9.98 18.86
N SER E 192 -35.15 -9.96 17.77
CA SER E 192 -36.26 -10.90 17.51
C SER E 192 -35.93 -11.75 16.29
N SER E 193 -36.48 -12.96 16.24
CA SER E 193 -36.37 -13.91 15.11
C SER E 193 -37.71 -14.64 14.95
N ARG E 194 -38.06 -14.99 13.72
CA ARG E 194 -39.30 -15.73 13.37
C ARG E 194 -38.94 -17.13 12.87
N LEU E 195 -39.63 -18.16 13.35
CA LEU E 195 -39.68 -19.52 12.76
C LEU E 195 -41.12 -19.79 12.33
N ARG E 196 -41.37 -19.88 11.02
CA ARG E 196 -42.72 -20.18 10.47
C ARG E 196 -42.74 -21.60 9.91
N VAL E 197 -43.70 -22.40 10.38
CA VAL E 197 -43.93 -23.82 9.96
C VAL E 197 -45.41 -23.96 9.62
N SER E 198 -45.82 -25.14 9.12
CA SER E 198 -47.24 -25.48 8.86
C SER E 198 -47.95 -25.69 10.20
N ALA E 199 -49.20 -25.24 10.32
CA ALA E 199 -50.10 -25.48 11.47
C ALA E 199 -49.99 -26.94 11.89
N THR E 200 -50.00 -27.86 10.92
CA THR E 200 -49.81 -29.32 11.07
C THR E 200 -48.58 -29.61 11.94
N PHE E 201 -47.42 -29.06 11.57
CA PHE E 201 -46.11 -29.30 12.22
C PHE E 201 -46.16 -28.77 13.67
N TRP E 202 -46.75 -27.59 13.88
CA TRP E 202 -46.88 -26.95 15.22
C TRP E 202 -47.93 -27.68 16.06
N GLN E 203 -48.92 -28.34 15.43
CA GLN E 203 -50.02 -29.06 16.13
C GLN E 203 -49.53 -30.43 16.62
N ASP E 204 -48.38 -30.89 16.12
CA ASP E 204 -47.73 -32.18 16.51
C ASP E 204 -46.95 -31.97 17.81
N PRO E 205 -47.37 -32.60 18.94
CA PRO E 205 -46.65 -32.43 20.21
C PRO E 205 -45.36 -33.26 20.32
N ARG E 206 -45.04 -34.07 19.31
CA ARG E 206 -43.73 -34.78 19.18
C ARG E 206 -42.65 -33.80 18.73
N ASN E 207 -43.03 -32.67 18.15
CA ASN E 207 -42.11 -31.62 17.62
C ASN E 207 -41.72 -30.67 18.76
N HIS E 208 -40.41 -30.46 18.95
CA HIS E 208 -39.79 -29.59 19.99
C HIS E 208 -39.14 -28.38 19.31
N PHE E 209 -39.44 -27.17 19.80
CA PHE E 209 -38.95 -25.87 19.24
C PHE E 209 -38.13 -25.14 20.31
N ARG E 210 -36.87 -24.82 20.01
CA ARG E 210 -35.96 -24.08 20.91
C ARG E 210 -35.29 -22.95 20.14
N CYS E 211 -35.43 -21.71 20.63
CA CYS E 211 -34.64 -20.52 20.19
C CYS E 211 -33.36 -20.46 21.02
N GLN E 212 -32.20 -20.47 20.35
CA GLN E 212 -30.86 -20.45 21.01
C GLN E 212 -30.17 -19.13 20.70
N VAL E 213 -29.66 -18.45 21.73
CA VAL E 213 -28.84 -17.21 21.60
C VAL E 213 -27.49 -17.47 22.26
N GLN E 214 -26.44 -17.67 21.45
CA GLN E 214 -25.03 -17.66 21.89
C GLN E 214 -24.64 -16.20 22.16
N PHE E 215 -24.25 -15.90 23.40
CA PHE E 215 -23.73 -14.57 23.82
C PHE E 215 -22.21 -14.70 24.02
N TYR E 216 -21.46 -13.74 23.48
CA TYR E 216 -19.99 -13.59 23.68
C TYR E 216 -19.75 -12.39 24.59
N GLY E 217 -19.37 -12.66 25.85
CA GLY E 217 -19.15 -11.64 26.88
C GLY E 217 -17.73 -11.70 27.40
N LEU E 218 -17.57 -11.79 28.72
CA LEU E 218 -16.26 -11.77 29.41
C LEU E 218 -15.68 -13.18 29.43
N SER E 219 -14.35 -13.29 29.36
CA SER E 219 -13.58 -14.57 29.41
C SER E 219 -13.22 -14.87 30.87
N GLU E 220 -12.55 -16.00 31.11
CA GLU E 220 -12.08 -16.44 32.45
C GLU E 220 -11.11 -15.40 33.04
N ASN E 221 -10.37 -14.69 32.19
CA ASN E 221 -9.26 -13.78 32.58
C ASN E 221 -9.82 -12.44 33.08
N ASP E 222 -10.97 -11.99 32.55
CA ASP E 222 -11.60 -10.69 32.90
C ASP E 222 -11.97 -10.67 34.39
N GLU E 223 -11.48 -9.68 35.12
CA GLU E 223 -11.80 -9.44 36.56
C GLU E 223 -13.28 -9.07 36.69
N TRP E 224 -13.94 -9.54 37.75
CA TRP E 224 -15.39 -9.32 38.01
C TRP E 224 -15.70 -9.49 39.48
N THR E 225 -16.16 -8.44 40.16
CA THR E 225 -16.50 -8.42 41.61
C THR E 225 -17.87 -7.76 41.85
N GLN E 226 -18.72 -7.68 40.83
CA GLN E 226 -20.08 -7.08 40.94
C GLN E 226 -21.01 -8.06 41.66
N ASP E 227 -22.03 -7.55 42.35
CA ASP E 227 -23.09 -8.34 43.04
C ASP E 227 -24.05 -8.87 41.96
N ARG E 228 -23.54 -9.76 41.10
CA ARG E 228 -24.22 -10.26 39.88
C ARG E 228 -23.34 -11.36 39.29
N ALA E 229 -23.94 -12.44 38.80
CA ALA E 229 -23.22 -13.53 38.09
C ALA E 229 -22.41 -12.90 36.95
N LYS E 230 -21.12 -13.25 36.84
CA LYS E 230 -20.20 -12.77 35.79
C LYS E 230 -20.85 -13.03 34.43
N PRO E 231 -21.04 -11.99 33.58
CA PRO E 231 -21.67 -12.15 32.27
C PRO E 231 -20.70 -12.76 31.25
N VAL E 232 -20.35 -14.03 31.44
CA VAL E 232 -19.40 -14.79 30.57
C VAL E 232 -20.09 -15.10 29.23
N THR E 233 -19.30 -15.45 28.23
CA THR E 233 -19.73 -16.15 26.99
C THR E 233 -20.60 -17.34 27.42
N GLN E 234 -21.82 -17.44 26.89
CA GLN E 234 -22.81 -18.48 27.30
C GLN E 234 -23.94 -18.56 26.28
N ILE E 235 -24.67 -19.68 26.30
CA ILE E 235 -25.94 -19.90 25.53
C ILE E 235 -27.11 -19.67 26.47
N VAL E 236 -28.11 -18.90 26.02
CA VAL E 236 -29.43 -18.72 26.70
C VAL E 236 -30.52 -19.06 25.69
N SER E 237 -31.45 -19.94 26.07
CA SER E 237 -32.52 -20.47 25.18
C SER E 237 -33.89 -20.43 25.86
N ALA E 238 -34.95 -20.43 25.05
CA ALA E 238 -36.36 -20.63 25.44
C ALA E 238 -36.97 -21.74 24.57
N GLU E 239 -37.87 -22.54 25.14
CA GLU E 239 -38.42 -23.77 24.51
C GLU E 239 -39.92 -23.62 24.28
N ALA E 240 -40.50 -24.57 23.52
CA ALA E 240 -41.96 -24.73 23.28
C ALA E 240 -42.19 -26.07 22.56
N TRP E 241 -43.22 -26.82 22.99
CA TRP E 241 -43.70 -28.05 22.32
C TRP E 241 -44.97 -27.71 21.53
N GLY E 242 -45.28 -28.51 20.49
CA GLY E 242 -46.48 -28.35 19.66
C GLY E 242 -47.73 -28.83 20.39
N ARG E 243 -48.92 -28.48 19.88
CA ARG E 243 -50.24 -28.87 20.44
C ARG E 243 -51.38 -28.27 19.61
N ALA E 244 -52.59 -28.82 19.76
CA ALA E 244 -53.84 -28.35 19.11
C ALA E 244 -54.39 -27.14 19.86
C1 EDO F . 21.36 21.07 -21.09
O1 EDO F . 21.63 20.03 -20.16
C2 EDO F . 21.31 20.58 -22.49
O2 EDO F . 20.67 21.49 -23.36
C1 EDO G . 42.11 22.34 -10.18
O1 EDO G . 41.56 21.24 -9.48
C2 EDO G . 41.60 23.64 -9.65
O2 EDO G . 41.63 24.66 -10.63
C1 EDO H . -40.95 -8.20 26.16
O1 EDO H . -40.47 -9.47 26.60
C2 EDO H . -42.34 -7.94 26.59
O2 EDO H . -43.31 -8.74 25.95
C1 EDO I . -18.32 -12.15 13.43
O1 EDO I . -17.19 -12.94 13.73
C2 EDO I . -17.98 -10.95 12.63
O2 EDO I . -17.16 -11.24 11.52
#